data_7N4X
#
_entry.id   7N4X
#
_cell.length_a   1.00
_cell.length_b   1.00
_cell.length_c   1.00
_cell.angle_alpha   90.00
_cell.angle_beta   90.00
_cell.angle_gamma   90.00
#
_symmetry.space_group_name_H-M   'P 1'
#
loop_
_entity.id
_entity.type
_entity.pdbx_description
1 polymer 'Isoform 2 of NPC1-like intracellular cholesterol transporter 1'
2 branched 2-acetamido-2-deoxy-beta-D-glucopyranose-(1-4)-2-acetamido-2-deoxy-beta-D-glucopyranose
3 non-polymer 2-acetamido-2-deoxy-beta-D-glucopyranose
4 non-polymer CHOLESTEROL
#
_entity_poly.entity_id   1
_entity_poly.type   'polypeptide(L)'
_entity_poly.pdbx_seq_one_letter_code
;MAEAGLRGWLLWALLLRLAQSEPYTTIHQPGYCAFYDECGKNPELSGSLMTLSNVSCLSNTPARKITGDHLILLQKICPR
LYTGPNTQACCSAKQLVSLEASLSITKALLTRCPACSDNFVNLHCHNTCSPNQSLFINVTRVAQLGAGQLPAVVAYEAFY
QHSFAEQSYDSCSRVRVPAAATLAVGTMCGVYGSALCNAQRWLNFQGDTGNGLAPLDITFHLLEPGQAVGSGIQPLNEGV
ARCNESQGDDVATCSCQDCAASCPAIARPQALDSTFYLGQMPGSLVLIIILCSVFAVVTILLVGFRVAPARDKSKMVDPK
KGTSLSDKLSFSTHTLLGQFFQGWGTRVASWPLTILVLSVIPVVALAAGLVFTELTTDPVELWSAPNSQARSEKAFHDQH
FGPFFRTNQVILTAPNRSSYRYDSLLLGPKNFSGILDLDLLLELLELQERLRHLQVWSPEAQRNISLQDICYAPLNPDNT
SLYDCCINSLLQYFQNNRTLLLLTANQTLMGQTSQVDWKDHFLYCANAPLTFKDGTALALSCMADYGAPVFPFLAIGGYK
GKDYSEAEALIMTFSLNNYPAGDPRLAQAKLWEEAFLEEMRAFQRRMAGMFQVTFMAERSLEDEINRTTAEDLPIFATSY
IVIFLYISLALGSYSSWSRVMVDSKATLGLGGVAVVLGAVMAAMGFFSYLGIRSSLVILQVVPFLVLSVGADNIFIFVLE
YQRLPRRPGEPREVHIGRALGRVAPSMLLCSLSEAICFFLGALTPMPAVRTFALTSGLAVILDFLLQMSAFVALLSLDSK
RQEASRLDVCCCVKPQELPPPGQGEGLLLGFFQKAYAPFLLHWITRGVVLLLFLALFGVSLYSMCHISVGLDQELALPKD
SYLLDYFLFLNRYFEVGAPVYFVTTLGYNFSSEAGMNAICSSAGCNNFSFTQKIQYATEFPEQSYLAIPASSWVDDFIDW
LTPSSCCRLYISGPNKDKFCPSTVNSLNCLKNCMSITMGSVRPSVEQFHKYLPWFLNDRPNIKCPKGGLAAYSTSVNLTS
DGQVLTSRFMAYHKPLKNSQDYTEALRAARELAANITADLRKVPGTDPAFEVFPYTITNVFYEQYLTILPEGLFMLSLCL
VPTFAVSCLLLGLDLRSGLLNLLSIVMILVDTVGFMALWGISYNAVSLINLVSAVGMSVEFVSHITRSFAISTKPTWLER
AKEATISMGSAVFAGVAMTNLPGILVLGLAKAQLIQIFFFRLNLLITLLGLLHGLVFLPVILSYVGPDVNPALALEQKRA
EEAVAAVMVASCPNHPSRVSTADNIYVNHSFEGSIKGAGAISNFLPNNGRQF
;
_entity_poly.pdbx_strand_id   A
#
loop_
_chem_comp.id
_chem_comp.type
_chem_comp.name
_chem_comp.formula
CLR non-polymer CHOLESTEROL 'C27 H46 O'
NAG D-saccharide, beta linking 2-acetamido-2-deoxy-beta-D-glucopyranose 'C8 H15 N O6'
#
# COMPACT_ATOMS: atom_id res chain seq x y z
N THR A 333 18.52 41.57 2.98
CA THR A 333 18.03 40.83 1.75
C THR A 333 16.51 40.61 1.81
N HIS A 334 15.90 40.58 3.00
CA HIS A 334 14.41 40.53 3.18
C HIS A 334 13.75 41.74 2.51
N THR A 335 14.23 42.95 2.83
CA THR A 335 13.66 44.25 2.38
C THR A 335 13.89 44.42 0.87
N LEU A 336 14.95 43.81 0.33
CA LEU A 336 15.24 43.76 -1.13
C LEU A 336 14.08 43.05 -1.85
N LEU A 337 13.66 41.89 -1.33
CA LEU A 337 12.49 41.13 -1.86
C LEU A 337 11.21 41.94 -1.60
N GLY A 338 11.11 42.60 -0.45
CA GLY A 338 10.04 43.57 -0.12
C GLY A 338 9.86 44.60 -1.21
N GLN A 339 10.96 45.27 -1.60
CA GLN A 339 11.02 46.28 -2.69
C GLN A 339 10.58 45.66 -4.03
N PHE A 340 11.16 44.50 -4.38
CA PHE A 340 10.86 43.78 -5.65
C PHE A 340 9.36 43.47 -5.73
N PHE A 341 8.81 42.83 -4.69
CA PHE A 341 7.39 42.36 -4.66
C PHE A 341 6.44 43.55 -4.55
N GLN A 342 6.86 44.67 -3.95
CA GLN A 342 6.12 45.96 -4.00
C GLN A 342 5.97 46.40 -5.46
N GLY A 343 7.10 46.49 -6.17
CA GLY A 343 7.16 46.82 -7.62
C GLY A 343 6.29 45.88 -8.44
N TRP A 344 6.46 44.56 -8.23
CA TRP A 344 5.70 43.49 -8.95
C TRP A 344 4.20 43.66 -8.69
N GLY A 345 3.79 43.69 -7.42
CA GLY A 345 2.39 43.82 -6.98
C GLY A 345 1.71 45.02 -7.63
N THR A 346 2.36 46.19 -7.59
CA THR A 346 1.92 47.45 -8.22
C THR A 346 1.73 47.23 -9.73
N ARG A 347 2.76 46.73 -10.41
CA ARG A 347 2.79 46.52 -11.88
C ARG A 347 1.70 45.52 -12.32
N VAL A 348 1.39 44.53 -11.47
CA VAL A 348 0.32 43.51 -11.75
C VAL A 348 -1.05 44.15 -11.50
N ALA A 349 -1.26 44.73 -10.31
CA ALA A 349 -2.54 45.37 -9.91
C ALA A 349 -2.92 46.51 -10.85
N SER A 350 -1.94 47.13 -11.54
CA SER A 350 -2.13 48.19 -12.55
C SER A 350 -2.70 47.63 -13.86
N TRP A 351 -2.22 46.45 -14.30
CA TRP A 351 -2.70 45.73 -15.51
C TRP A 351 -3.35 44.41 -15.09
N PRO A 352 -4.63 44.40 -14.63
CA PRO A 352 -5.25 43.18 -14.12
C PRO A 352 -5.56 42.14 -15.21
N LEU A 353 -6.32 42.53 -16.24
CA LEU A 353 -6.91 41.60 -17.24
C LEU A 353 -5.81 40.99 -18.13
N THR A 354 -4.81 41.78 -18.52
CA THR A 354 -3.63 41.32 -19.32
C THR A 354 -2.89 40.22 -18.53
N ILE A 355 -2.61 40.45 -17.25
CA ILE A 355 -1.89 39.49 -16.36
C ILE A 355 -2.77 38.25 -16.15
N LEU A 356 -4.08 38.42 -15.93
CA LEU A 356 -5.02 37.27 -15.79
C LEU A 356 -4.93 36.40 -17.04
N VAL A 357 -5.04 37.00 -18.24
CA VAL A 357 -4.90 36.30 -19.55
C VAL A 357 -3.52 35.62 -19.61
N LEU A 358 -2.43 36.38 -19.43
CA LEU A 358 -1.04 35.88 -19.53
C LEU A 358 -0.75 34.78 -18.50
N SER A 359 -1.52 34.71 -17.40
CA SER A 359 -1.37 33.71 -16.31
C SER A 359 -2.26 32.49 -16.55
N VAL A 360 -3.47 32.67 -17.09
CA VAL A 360 -4.43 31.56 -17.39
C VAL A 360 -3.91 30.73 -18.58
N ILE A 361 -3.28 31.37 -19.58
CA ILE A 361 -2.86 30.72 -20.86
C ILE A 361 -1.91 29.55 -20.57
N PRO A 362 -0.77 29.71 -19.86
CA PRO A 362 0.12 28.58 -19.55
C PRO A 362 -0.53 27.48 -18.70
N VAL A 363 -1.42 27.84 -17.77
CA VAL A 363 -2.14 26.89 -16.87
C VAL A 363 -3.00 25.95 -17.73
N VAL A 364 -3.76 26.49 -18.68
CA VAL A 364 -4.61 25.70 -19.63
C VAL A 364 -3.69 24.89 -20.54
N ALA A 365 -2.61 25.50 -21.04
CA ALA A 365 -1.59 24.88 -21.93
C ALA A 365 -0.92 23.69 -21.24
N LEU A 366 -0.73 23.75 -19.92
CA LEU A 366 -0.14 22.63 -19.12
C LEU A 366 -1.23 21.64 -18.68
N ALA A 367 -2.43 22.12 -18.33
CA ALA A 367 -3.55 21.32 -17.77
C ALA A 367 -4.38 20.64 -18.87
N ALA A 368 -4.12 20.95 -20.14
CA ALA A 368 -4.73 20.25 -21.31
C ALA A 368 -4.04 18.89 -21.54
N GLY A 369 -2.90 18.64 -20.88
CA GLY A 369 -2.13 17.37 -20.97
C GLY A 369 -2.69 16.25 -20.11
N LEU A 370 -3.81 16.46 -19.39
CA LEU A 370 -4.49 15.41 -18.57
C LEU A 370 -5.09 14.31 -19.46
N VAL A 371 -5.29 14.56 -20.75
CA VAL A 371 -5.89 13.56 -21.69
C VAL A 371 -4.87 12.45 -21.99
N PHE A 372 -3.58 12.66 -21.67
CA PHE A 372 -2.48 11.69 -21.84
C PHE A 372 -2.35 10.76 -20.62
N THR A 373 -3.11 10.99 -19.55
CA THR A 373 -3.03 10.25 -18.26
C THR A 373 -3.20 8.75 -18.49
N GLU A 374 -2.14 7.97 -18.23
CA GLU A 374 -2.14 6.48 -18.24
C GLU A 374 -2.38 6.00 -16.81
N LEU A 375 -3.65 5.82 -16.43
CA LEU A 375 -4.06 5.41 -15.06
C LEU A 375 -3.83 3.90 -14.91
N THR A 376 -2.77 3.52 -14.17
CA THR A 376 -2.38 2.11 -13.89
C THR A 376 -2.77 1.78 -12.45
N THR A 377 -3.59 0.75 -12.27
CA THR A 377 -4.23 0.38 -10.98
C THR A 377 -3.58 -0.89 -10.40
N ASP A 378 -2.69 -1.56 -11.16
CA ASP A 378 -2.10 -2.87 -10.79
C ASP A 378 -1.16 -2.67 -9.60
N PRO A 379 -1.20 -3.55 -8.56
CA PRO A 379 -0.48 -3.31 -7.31
C PRO A 379 1.04 -3.38 -7.38
N VAL A 380 1.61 -4.18 -8.30
CA VAL A 380 3.07 -4.43 -8.42
C VAL A 380 3.75 -3.17 -8.99
N GLU A 381 3.06 -2.42 -9.86
CA GLU A 381 3.62 -1.21 -10.53
C GLU A 381 3.57 0.00 -9.57
N LEU A 382 2.58 0.07 -8.68
CA LEU A 382 2.37 1.22 -7.75
C LEU A 382 3.21 1.07 -6.48
N TRP A 383 3.32 -0.14 -5.94
CA TRP A 383 3.75 -0.40 -4.53
C TRP A 383 5.01 -1.26 -4.44
N SER A 384 5.78 -1.38 -5.52
CA SER A 384 7.11 -2.05 -5.53
C SER A 384 8.14 -1.17 -6.25
N ALA A 385 9.33 -1.04 -5.66
CA ALA A 385 10.48 -0.29 -6.22
C ALA A 385 11.16 -1.15 -7.28
N PRO A 386 11.06 -0.81 -8.59
CA PRO A 386 11.53 -1.70 -9.65
C PRO A 386 13.05 -1.94 -9.68
N ASN A 387 13.81 -1.24 -8.83
CA ASN A 387 15.28 -1.35 -8.69
C ASN A 387 15.65 -2.00 -7.34
N SER A 388 14.69 -2.41 -6.51
CA SER A 388 14.92 -3.08 -5.21
C SER A 388 15.41 -4.52 -5.44
N GLN A 389 15.85 -5.21 -4.38
CA GLN A 389 16.34 -6.61 -4.44
C GLN A 389 15.19 -7.56 -4.78
N ALA A 390 14.10 -7.49 -4.00
CA ALA A 390 12.88 -8.32 -4.14
C ALA A 390 12.42 -8.37 -5.60
N ARG A 391 12.50 -7.24 -6.31
CA ARG A 391 12.10 -7.13 -7.75
C ARG A 391 13.13 -7.82 -8.64
N SER A 392 14.42 -7.75 -8.32
CA SER A 392 15.51 -8.48 -9.05
C SER A 392 15.33 -9.99 -8.84
N GLU A 393 15.02 -10.42 -7.61
CA GLU A 393 14.71 -11.82 -7.25
C GLU A 393 13.45 -12.28 -8.01
N LYS A 394 12.40 -11.46 -8.02
CA LYS A 394 11.11 -11.73 -8.73
C LYS A 394 11.38 -11.88 -10.24
N ALA A 395 12.15 -10.95 -10.82
CA ALA A 395 12.54 -10.93 -12.24
C ALA A 395 13.26 -12.24 -12.61
N PHE A 396 14.24 -12.65 -11.79
CA PHE A 396 15.03 -13.90 -11.95
C PHE A 396 14.09 -15.12 -11.94
N HIS A 397 13.21 -15.21 -10.94
CA HIS A 397 12.19 -16.29 -10.80
C HIS A 397 11.31 -16.32 -12.06
N ASP A 398 10.57 -15.22 -12.30
CA ASP A 398 9.59 -15.06 -13.41
C ASP A 398 10.25 -15.33 -14.77
N GLN A 399 11.56 -15.13 -14.89
CA GLN A 399 12.36 -15.55 -16.08
C GLN A 399 12.44 -17.08 -16.14
N HIS A 400 12.96 -17.71 -15.08
CA HIS A 400 13.48 -19.10 -15.10
C HIS A 400 12.37 -20.13 -14.85
N PHE A 401 11.24 -19.74 -14.23
CA PHE A 401 10.12 -20.68 -13.89
C PHE A 401 8.76 -20.18 -14.41
N GLY A 402 8.69 -19.00 -15.04
CA GLY A 402 7.43 -18.32 -15.35
C GLY A 402 6.80 -17.71 -14.11
N PRO A 403 5.77 -16.84 -14.24
CA PRO A 403 5.17 -16.15 -13.09
C PRO A 403 4.31 -17.06 -12.18
N PHE A 404 3.88 -16.51 -11.04
CA PHE A 404 3.09 -17.20 -9.99
C PHE A 404 1.60 -17.14 -10.35
N PHE A 405 0.93 -18.31 -10.34
CA PHE A 405 -0.49 -18.51 -10.73
C PHE A 405 -1.43 -17.62 -9.90
N ARG A 406 -2.62 -17.35 -10.46
CA ARG A 406 -3.67 -16.47 -9.88
C ARG A 406 -4.67 -17.34 -9.11
N THR A 407 -4.81 -17.12 -7.79
CA THR A 407 -5.59 -17.97 -6.87
C THR A 407 -6.97 -17.32 -6.64
N ASN A 408 -8.05 -18.01 -7.06
CA ASN A 408 -9.47 -17.58 -6.85
C ASN A 408 -10.11 -18.50 -5.80
N GLN A 409 -10.00 -18.13 -4.52
CA GLN A 409 -10.37 -19.02 -3.38
C GLN A 409 -11.82 -18.79 -2.97
N VAL A 410 -12.40 -19.81 -2.31
CA VAL A 410 -13.73 -19.78 -1.63
C VAL A 410 -13.57 -20.53 -0.30
N ILE A 411 -13.82 -19.87 0.84
CA ILE A 411 -13.75 -20.47 2.20
C ILE A 411 -15.19 -20.57 2.75
N LEU A 412 -15.77 -21.77 2.68
CA LEU A 412 -17.15 -22.07 3.17
C LEU A 412 -17.10 -22.63 4.59
N THR A 413 -18.03 -22.19 5.45
CA THR A 413 -18.23 -22.68 6.84
C THR A 413 -19.72 -22.69 7.17
N ALA A 414 -20.20 -23.75 7.83
CA ALA A 414 -21.60 -23.91 8.29
C ALA A 414 -21.63 -23.69 9.80
N PRO A 415 -21.89 -22.45 10.28
CA PRO A 415 -21.68 -22.11 11.68
C PRO A 415 -22.70 -22.73 12.64
N ASN A 416 -23.97 -22.82 12.20
CA ASN A 416 -25.11 -23.28 13.04
C ASN A 416 -25.24 -24.81 12.97
N ARG A 417 -24.48 -25.50 12.10
CA ARG A 417 -24.52 -26.98 11.97
C ARG A 417 -23.71 -27.60 13.10
N SER A 418 -24.34 -28.45 13.91
CA SER A 418 -23.79 -29.04 15.16
C SER A 418 -22.80 -30.16 14.83
N SER A 419 -21.75 -30.30 15.66
CA SER A 419 -20.75 -31.40 15.59
C SER A 419 -21.42 -32.72 15.97
N TYR A 420 -20.96 -33.83 15.37
CA TYR A 420 -21.42 -35.22 15.68
C TYR A 420 -20.20 -36.12 15.83
N ARG A 421 -20.43 -37.40 16.17
CA ARG A 421 -19.37 -38.42 16.43
C ARG A 421 -19.47 -39.52 15.37
N TYR A 422 -18.33 -40.15 15.04
CA TYR A 422 -18.24 -41.30 14.11
C TYR A 422 -17.36 -42.40 14.72
N ASP A 423 -17.94 -43.57 14.96
CA ASP A 423 -17.23 -44.81 15.38
C ASP A 423 -16.64 -45.47 14.12
N SER A 424 -15.58 -44.87 13.58
CA SER A 424 -14.85 -45.34 12.36
C SER A 424 -14.08 -46.63 12.70
N LEU A 425 -13.78 -47.45 11.69
CA LEU A 425 -12.84 -48.60 11.81
C LEU A 425 -11.44 -48.15 11.35
N LEU A 426 -10.41 -48.87 11.82
CA LEU A 426 -8.96 -48.60 11.62
C LEU A 426 -8.50 -47.40 12.48
N LEU A 427 -9.43 -46.64 13.07
CA LEU A 427 -9.18 -45.37 13.80
C LEU A 427 -10.17 -45.25 14.98
N GLY A 428 -9.84 -44.44 15.98
CA GLY A 428 -10.67 -44.24 17.19
C GLY A 428 -11.97 -43.51 16.90
N PRO A 429 -12.85 -43.29 17.90
CA PRO A 429 -14.05 -42.47 17.72
C PRO A 429 -13.68 -41.00 17.43
N LYS A 430 -13.92 -40.54 16.20
CA LYS A 430 -13.57 -39.18 15.72
C LYS A 430 -14.81 -38.28 15.81
N ASN A 431 -14.64 -37.05 16.28
CA ASN A 431 -15.71 -36.07 16.35
C ASN A 431 -15.67 -35.18 15.11
N PHE A 432 -16.67 -35.34 14.24
CA PHE A 432 -16.79 -34.62 12.96
C PHE A 432 -17.50 -33.27 13.18
N SER A 433 -17.12 -32.26 12.41
CA SER A 433 -17.72 -30.90 12.41
C SER A 433 -19.06 -30.92 11.68
N GLY A 434 -19.78 -29.79 11.71
CA GLY A 434 -21.04 -29.58 10.96
C GLY A 434 -20.78 -29.44 9.46
N ILE A 435 -19.66 -28.81 9.09
CA ILE A 435 -19.27 -28.54 7.67
C ILE A 435 -19.00 -29.85 6.93
N LEU A 436 -18.51 -30.88 7.63
CA LEU A 436 -18.22 -32.23 7.08
C LEU A 436 -19.47 -33.13 7.17
N ASP A 437 -20.66 -32.59 6.84
CA ASP A 437 -21.88 -33.38 6.54
C ASP A 437 -21.85 -33.70 5.03
N LEU A 438 -22.66 -34.67 4.58
CA LEU A 438 -22.63 -35.19 3.19
C LEU A 438 -23.33 -34.22 2.24
N ASP A 439 -24.52 -33.73 2.61
CA ASP A 439 -25.36 -32.82 1.77
C ASP A 439 -24.60 -31.52 1.47
N LEU A 440 -23.88 -30.97 2.45
CA LEU A 440 -23.06 -29.74 2.30
C LEU A 440 -21.96 -29.98 1.26
N LEU A 441 -21.29 -31.14 1.33
CA LEU A 441 -20.24 -31.56 0.37
C LEU A 441 -20.85 -31.74 -1.04
N LEU A 442 -22.07 -32.28 -1.14
CA LEU A 442 -22.80 -32.42 -2.44
C LEU A 442 -23.14 -31.04 -3.01
N GLU A 443 -23.43 -30.05 -2.15
CA GLU A 443 -23.69 -28.64 -2.54
C GLU A 443 -22.38 -27.99 -3.02
N LEU A 444 -21.27 -28.22 -2.31
CA LEU A 444 -19.92 -27.74 -2.72
C LEU A 444 -19.53 -28.39 -4.06
N LEU A 445 -19.84 -29.68 -4.23
CA LEU A 445 -19.61 -30.43 -5.50
C LEU A 445 -20.36 -29.73 -6.64
N GLU A 446 -21.67 -29.48 -6.43
CA GLU A 446 -22.54 -28.75 -7.40
C GLU A 446 -21.87 -27.43 -7.82
N LEU A 447 -21.42 -26.63 -6.84
CA LEU A 447 -20.74 -25.33 -7.09
C LEU A 447 -19.45 -25.56 -7.90
N GLN A 448 -18.58 -26.45 -7.42
CA GLN A 448 -17.27 -26.76 -8.04
C GLN A 448 -17.46 -27.15 -9.51
N GLU A 449 -18.42 -28.05 -9.79
CA GLU A 449 -18.70 -28.56 -11.15
C GLU A 449 -19.38 -27.46 -11.99
N ARG A 450 -20.14 -26.55 -11.38
CA ARG A 450 -20.73 -25.37 -12.08
C ARG A 450 -19.60 -24.42 -12.50
N LEU A 451 -18.66 -24.13 -11.60
CA LEU A 451 -17.53 -23.18 -11.87
C LEU A 451 -16.56 -23.79 -12.90
N ARG A 452 -16.40 -25.11 -12.94
CA ARG A 452 -15.58 -25.81 -13.97
C ARG A 452 -16.03 -25.42 -15.38
N HIS A 453 -17.32 -25.57 -15.67
CA HIS A 453 -17.93 -25.40 -17.02
C HIS A 453 -18.34 -23.94 -17.28
N LEU A 454 -17.89 -22.98 -16.45
CA LEU A 454 -18.24 -21.55 -16.61
C LEU A 454 -17.58 -21.02 -17.89
N GLN A 455 -18.33 -20.26 -18.69
CA GLN A 455 -17.87 -19.70 -20.00
C GLN A 455 -18.27 -18.22 -20.08
N VAL A 456 -17.39 -17.38 -20.61
CA VAL A 456 -17.59 -15.90 -20.77
C VAL A 456 -17.28 -15.51 -22.22
N TRP A 457 -18.00 -14.51 -22.73
CA TRP A 457 -17.75 -13.90 -24.06
C TRP A 457 -16.53 -12.98 -23.96
N SER A 458 -15.59 -13.09 -24.90
CA SER A 458 -14.33 -12.29 -24.98
C SER A 458 -14.37 -11.40 -26.23
N PRO A 459 -14.89 -10.15 -26.14
CA PRO A 459 -15.01 -9.27 -27.31
C PRO A 459 -13.70 -9.02 -28.08
N GLU A 460 -12.55 -9.05 -27.40
CA GLU A 460 -11.21 -8.94 -28.03
C GLU A 460 -10.95 -10.20 -28.89
N ALA A 461 -11.39 -11.38 -28.44
CA ALA A 461 -11.16 -12.68 -29.10
C ALA A 461 -12.39 -13.13 -29.92
N GLN A 462 -13.58 -12.61 -29.61
CA GLN A 462 -14.87 -12.92 -30.29
C GLN A 462 -15.17 -14.42 -30.20
N ARG A 463 -15.11 -14.98 -28.99
CA ARG A 463 -15.48 -16.40 -28.70
C ARG A 463 -15.83 -16.54 -27.21
N ASN A 464 -16.24 -17.74 -26.80
CA ASN A 464 -16.51 -18.11 -25.38
C ASN A 464 -15.22 -18.64 -24.75
N ILE A 465 -14.72 -17.94 -23.73
CA ILE A 465 -13.52 -18.36 -22.93
C ILE A 465 -13.98 -19.46 -21.96
N SER A 466 -13.50 -20.69 -22.20
CA SER A 466 -13.63 -21.86 -21.29
C SER A 466 -12.48 -21.83 -20.28
N LEU A 467 -12.65 -22.50 -19.13
CA LEU A 467 -11.64 -22.57 -18.04
C LEU A 467 -10.33 -23.16 -18.58
N GLN A 468 -10.42 -24.21 -19.42
CA GLN A 468 -9.26 -24.98 -19.95
C GLN A 468 -8.28 -24.08 -20.71
N ASP A 469 -8.77 -22.97 -21.28
CA ASP A 469 -7.94 -21.99 -22.07
C ASP A 469 -6.95 -21.26 -21.16
N ILE A 470 -7.33 -21.01 -19.90
CA ILE A 470 -6.62 -20.08 -18.96
C ILE A 470 -6.17 -20.79 -17.67
N CYS A 471 -6.71 -21.97 -17.35
CA CYS A 471 -6.48 -22.68 -16.06
C CYS A 471 -5.03 -23.18 -16.02
N TYR A 472 -4.44 -23.19 -14.82
CA TYR A 472 -3.06 -23.65 -14.54
C TYR A 472 -3.10 -25.17 -14.36
N ALA A 473 -2.73 -25.92 -15.39
CA ALA A 473 -2.62 -27.41 -15.40
C ALA A 473 -1.17 -27.80 -15.15
N PRO A 474 -0.80 -28.30 -13.94
CA PRO A 474 0.58 -28.68 -13.68
C PRO A 474 1.00 -29.93 -14.47
N LEU A 475 0.15 -30.97 -14.46
CA LEU A 475 0.24 -32.14 -15.38
C LEU A 475 -0.38 -31.76 -16.72
N ASN A 476 0.31 -32.02 -17.83
CA ASN A 476 -0.20 -31.87 -19.22
C ASN A 476 -0.58 -30.40 -19.47
N PRO A 477 0.39 -29.46 -19.48
CA PRO A 477 0.07 -28.03 -19.61
C PRO A 477 -0.26 -27.58 -21.05
N ASP A 478 0.08 -28.39 -22.06
CA ASP A 478 -0.17 -28.13 -23.51
C ASP A 478 -1.29 -29.06 -24.00
N ASN A 479 -2.37 -28.49 -24.53
CA ASN A 479 -3.63 -29.20 -24.88
C ASN A 479 -4.22 -29.79 -23.58
N THR A 480 -4.67 -28.90 -22.68
CA THR A 480 -5.35 -29.25 -21.40
C THR A 480 -6.83 -29.52 -21.67
N SER A 481 -7.53 -30.06 -20.67
CA SER A 481 -9.01 -30.23 -20.65
C SER A 481 -9.55 -29.70 -19.32
N LEU A 482 -10.89 -29.62 -19.19
CA LEU A 482 -11.61 -29.11 -17.99
C LEU A 482 -11.30 -29.98 -16.77
N TYR A 483 -11.00 -31.27 -16.97
CA TYR A 483 -10.68 -32.25 -15.91
C TYR A 483 -9.15 -32.40 -15.75
N ASP A 484 -8.38 -31.40 -16.19
CA ASP A 484 -6.90 -31.34 -16.04
C ASP A 484 -6.47 -30.04 -15.35
N CYS A 485 -7.41 -29.24 -14.85
CA CYS A 485 -7.19 -27.88 -14.26
C CYS A 485 -7.00 -28.00 -12.75
N CYS A 486 -6.10 -27.20 -12.17
CA CYS A 486 -5.74 -27.18 -10.73
C CYS A 486 -6.91 -26.60 -9.92
N ILE A 487 -7.84 -27.47 -9.50
CA ILE A 487 -8.96 -27.15 -8.57
C ILE A 487 -8.75 -27.94 -7.28
N ASN A 488 -8.19 -27.31 -6.24
CA ASN A 488 -7.89 -27.94 -4.93
C ASN A 488 -9.12 -27.79 -4.02
N SER A 489 -9.75 -28.91 -3.66
CA SER A 489 -10.94 -28.99 -2.75
C SER A 489 -11.03 -30.39 -2.14
N LEU A 490 -11.67 -30.50 -0.97
CA LEU A 490 -11.88 -31.77 -0.21
C LEU A 490 -12.33 -32.88 -1.17
N LEU A 491 -13.21 -32.55 -2.12
CA LEU A 491 -13.87 -33.51 -3.05
C LEU A 491 -12.91 -33.99 -4.15
N GLN A 492 -11.65 -33.53 -4.16
CA GLN A 492 -10.61 -34.06 -5.08
C GLN A 492 -10.20 -35.48 -4.65
N TYR A 493 -10.29 -35.80 -3.35
CA TYR A 493 -10.05 -37.15 -2.77
C TYR A 493 -10.99 -38.17 -3.41
N PHE A 494 -12.18 -37.73 -3.85
CA PHE A 494 -13.20 -38.53 -4.58
C PHE A 494 -13.22 -38.15 -6.07
N GLN A 495 -12.16 -37.48 -6.55
CA GLN A 495 -11.94 -37.02 -7.95
C GLN A 495 -13.21 -36.36 -8.53
N ASN A 496 -13.99 -35.66 -7.69
CA ASN A 496 -15.28 -34.99 -8.05
C ASN A 496 -16.29 -35.97 -8.66
N ASN A 497 -16.18 -37.24 -8.29
CA ASN A 497 -17.09 -38.27 -8.73
C ASN A 497 -18.16 -38.37 -7.65
N ARG A 498 -19.41 -38.12 -8.03
CA ARG A 498 -20.54 -38.11 -7.06
C ARG A 498 -20.90 -39.55 -6.65
N THR A 499 -20.60 -40.54 -7.50
CA THR A 499 -20.82 -41.99 -7.21
C THR A 499 -19.86 -42.47 -6.12
N LEU A 500 -18.61 -42.00 -6.12
CA LEU A 500 -17.56 -42.41 -5.12
C LEU A 500 -17.83 -41.76 -3.76
N LEU A 501 -18.47 -40.59 -3.74
CA LEU A 501 -18.75 -39.81 -2.51
C LEU A 501 -19.90 -40.46 -1.72
N LEU A 502 -20.98 -40.86 -2.40
CA LEU A 502 -22.16 -41.54 -1.79
C LEU A 502 -21.86 -43.04 -1.58
N LEU A 503 -20.71 -43.55 -2.04
CA LEU A 503 -20.35 -45.00 -2.00
C LEU A 503 -20.10 -45.42 -0.55
N THR A 504 -20.65 -46.58 -0.16
CA THR A 504 -20.46 -47.24 1.16
C THR A 504 -20.18 -48.72 0.95
N ALA A 505 -19.26 -49.29 1.73
CA ALA A 505 -18.83 -50.71 1.67
C ALA A 505 -18.96 -51.37 3.06
N ASN A 506 -18.86 -52.69 3.08
CA ASN A 506 -18.92 -53.48 4.31
C ASN A 506 -17.54 -54.09 4.60
N GLN A 507 -16.93 -53.62 5.67
CA GLN A 507 -15.56 -54.03 6.10
C GLN A 507 -15.67 -54.79 7.44
N THR A 508 -15.08 -55.99 7.49
CA THR A 508 -14.89 -56.82 8.71
C THR A 508 -13.44 -56.64 9.21
N LEU A 509 -13.26 -56.39 10.50
CA LEU A 509 -11.92 -56.27 11.15
C LEU A 509 -11.91 -57.11 12.44
N MET A 510 -10.86 -57.91 12.64
CA MET A 510 -10.56 -58.72 13.86
C MET A 510 -11.81 -59.49 14.36
N GLY A 511 -12.70 -59.89 13.46
CA GLY A 511 -13.95 -60.62 13.79
C GLY A 511 -15.20 -59.76 13.64
N GLN A 512 -15.14 -58.48 14.04
CA GLN A 512 -16.30 -57.55 14.05
C GLN A 512 -16.37 -56.81 12.70
N THR A 513 -17.59 -56.52 12.23
CA THR A 513 -17.90 -55.84 10.93
C THR A 513 -18.47 -54.45 11.22
N SER A 514 -18.21 -53.49 10.32
CA SER A 514 -18.77 -52.12 10.36
C SER A 514 -18.96 -51.57 8.94
N GLN A 515 -19.90 -50.64 8.78
CA GLN A 515 -20.17 -49.92 7.51
C GLN A 515 -19.17 -48.78 7.37
N VAL A 516 -18.30 -48.86 6.35
CA VAL A 516 -17.31 -47.77 6.01
C VAL A 516 -17.98 -46.82 5.01
N ASP A 517 -17.94 -45.51 5.33
CA ASP A 517 -18.55 -44.42 4.51
C ASP A 517 -17.40 -43.55 3.95
N TRP A 518 -17.74 -42.42 3.32
CA TRP A 518 -16.79 -41.45 2.72
C TRP A 518 -15.82 -40.90 3.78
N LYS A 519 -16.26 -40.79 5.04
CA LYS A 519 -15.48 -40.30 6.21
C LYS A 519 -14.15 -41.08 6.34
N ASP A 520 -14.19 -42.40 6.13
CA ASP A 520 -13.03 -43.32 6.27
C ASP A 520 -12.00 -42.98 5.18
N HIS A 521 -12.45 -42.83 3.92
CA HIS A 521 -11.60 -42.43 2.77
C HIS A 521 -11.02 -41.03 3.00
N PHE A 522 -11.85 -40.07 3.45
CA PHE A 522 -11.44 -38.68 3.76
C PHE A 522 -10.30 -38.68 4.78
N LEU A 523 -10.48 -39.39 5.90
CA LEU A 523 -9.48 -39.45 7.00
C LEU A 523 -8.19 -40.12 6.51
N TYR A 524 -8.30 -41.29 5.87
CA TYR A 524 -7.15 -42.03 5.29
C TYR A 524 -6.42 -41.16 4.26
N CYS A 525 -7.17 -40.32 3.53
CA CYS A 525 -6.62 -39.36 2.53
C CYS A 525 -5.88 -38.23 3.22
N ALA A 526 -6.53 -37.53 4.15
CA ALA A 526 -5.98 -36.36 4.88
C ALA A 526 -4.70 -36.74 5.64
N ASN A 527 -4.56 -38.00 6.07
CA ASN A 527 -3.34 -38.52 6.75
C ASN A 527 -2.18 -38.60 5.75
N ALA A 528 -2.33 -39.40 4.69
CA ALA A 528 -1.31 -39.62 3.62
C ALA A 528 -1.96 -39.38 2.26
N PRO A 529 -1.89 -38.15 1.69
CA PRO A 529 -2.58 -37.85 0.43
C PRO A 529 -1.92 -38.40 -0.85
N LEU A 530 -0.73 -38.99 -0.74
CA LEU A 530 0.02 -39.61 -1.87
C LEU A 530 -0.21 -41.13 -1.84
N THR A 531 -1.47 -41.56 -2.02
CA THR A 531 -1.90 -42.97 -2.11
C THR A 531 -2.84 -43.14 -3.31
N PHE A 532 -2.77 -44.29 -3.99
CA PHE A 532 -3.63 -44.67 -5.14
C PHE A 532 -4.59 -45.81 -4.76
N LYS A 533 -4.39 -46.44 -3.60
CA LYS A 533 -5.28 -47.51 -3.06
C LYS A 533 -5.57 -47.20 -1.59
N ASP A 534 -6.79 -46.71 -1.30
CA ASP A 534 -7.35 -46.53 0.06
C ASP A 534 -7.35 -47.90 0.77
N GLY A 535 -7.06 -47.91 2.08
CA GLY A 535 -6.94 -49.13 2.89
C GLY A 535 -8.22 -49.53 3.59
N THR A 536 -9.35 -48.84 3.32
CA THR A 536 -10.64 -48.99 4.05
C THR A 536 -11.63 -49.82 3.20
N ALA A 537 -11.23 -51.01 2.78
CA ALA A 537 -12.04 -51.99 2.00
C ALA A 537 -12.58 -51.35 0.71
N LEU A 538 -11.91 -50.33 0.19
CA LEU A 538 -12.27 -49.58 -1.04
C LEU A 538 -11.01 -49.39 -1.88
N ALA A 539 -11.06 -49.77 -3.17
CA ALA A 539 -9.98 -49.54 -4.15
C ALA A 539 -10.07 -48.09 -4.66
N LEU A 540 -10.21 -47.13 -3.74
CA LEU A 540 -10.45 -45.69 -4.05
C LEU A 540 -9.10 -44.96 -4.08
N SER A 541 -8.79 -44.34 -5.22
CA SER A 541 -7.62 -43.44 -5.40
C SER A 541 -7.81 -42.20 -4.52
N CYS A 542 -6.71 -41.67 -3.98
CA CYS A 542 -6.70 -40.48 -3.09
C CYS A 542 -6.28 -39.21 -3.87
N MET A 543 -5.52 -39.36 -4.95
CA MET A 543 -4.99 -38.22 -5.75
C MET A 543 -6.14 -37.54 -6.49
N ALA A 544 -5.99 -36.23 -6.76
CA ALA A 544 -6.94 -35.38 -7.51
C ALA A 544 -7.10 -35.90 -8.94
N ASP A 545 -8.15 -35.45 -9.64
CA ASP A 545 -8.50 -35.87 -11.01
C ASP A 545 -7.40 -35.45 -12.00
N TYR A 546 -6.75 -34.29 -11.76
CA TYR A 546 -5.67 -33.75 -12.62
C TYR A 546 -4.36 -34.51 -12.35
N GLY A 547 -4.25 -35.25 -11.24
CA GLY A 547 -3.25 -36.32 -11.03
C GLY A 547 -2.15 -35.97 -10.03
N ALA A 548 -2.29 -34.89 -9.27
CA ALA A 548 -1.37 -34.47 -8.17
C ALA A 548 -2.05 -34.69 -6.83
N PRO A 549 -1.28 -34.99 -5.75
CA PRO A 549 -1.88 -35.16 -4.42
C PRO A 549 -2.33 -33.81 -3.81
N VAL A 550 -3.54 -33.79 -3.25
CA VAL A 550 -4.12 -32.62 -2.53
C VAL A 550 -3.78 -32.77 -1.04
N PHE A 551 -2.91 -31.88 -0.52
CA PHE A 551 -2.54 -31.84 0.91
C PHE A 551 -3.71 -31.23 1.68
N PRO A 552 -3.98 -31.66 2.94
CA PRO A 552 -5.19 -31.27 3.66
C PRO A 552 -5.34 -29.75 3.84
N PHE A 553 -4.25 -29.04 4.12
CA PHE A 553 -4.20 -27.57 4.35
C PHE A 553 -4.73 -26.79 3.13
N LEU A 554 -4.67 -27.35 1.93
CA LEU A 554 -5.21 -26.72 0.68
C LEU A 554 -6.72 -26.98 0.53
N ALA A 555 -7.24 -28.05 1.15
CA ALA A 555 -8.63 -28.55 0.97
C ALA A 555 -9.53 -28.16 2.15
N ILE A 556 -9.03 -28.26 3.39
CA ILE A 556 -9.77 -27.96 4.65
C ILE A 556 -8.93 -26.99 5.49
N GLY A 557 -9.61 -26.13 6.28
CA GLY A 557 -9.01 -25.22 7.25
C GLY A 557 -9.83 -25.14 8.53
N GLY A 558 -9.22 -24.74 9.64
CA GLY A 558 -9.89 -24.52 10.93
C GLY A 558 -9.49 -25.54 11.99
N TYR A 559 -8.90 -26.66 11.58
CA TYR A 559 -8.32 -27.71 12.47
C TYR A 559 -7.02 -27.17 13.11
N LYS A 560 -6.38 -27.96 13.97
CA LYS A 560 -5.11 -27.60 14.65
C LYS A 560 -4.28 -28.85 14.93
N GLY A 561 -3.32 -29.17 14.04
CA GLY A 561 -2.40 -30.30 14.13
C GLY A 561 -2.73 -31.39 13.12
N LYS A 562 -3.12 -32.58 13.60
CA LYS A 562 -3.49 -33.76 12.77
C LYS A 562 -4.92 -34.22 13.12
N ASP A 563 -5.78 -33.31 13.57
CA ASP A 563 -7.20 -33.58 13.92
C ASP A 563 -8.09 -32.97 12.82
N TYR A 564 -8.02 -33.57 11.61
CA TYR A 564 -8.62 -33.05 10.36
C TYR A 564 -10.15 -33.15 10.40
N SER A 565 -10.68 -34.18 11.07
CA SER A 565 -12.13 -34.45 11.26
C SER A 565 -12.85 -33.24 11.90
N GLU A 566 -12.11 -32.42 12.67
CA GLU A 566 -12.63 -31.20 13.34
C GLU A 566 -12.34 -29.95 12.49
N ALA A 567 -12.22 -30.08 11.16
CA ALA A 567 -12.08 -28.94 10.22
C ALA A 567 -13.40 -28.17 10.17
N GLU A 568 -13.35 -26.85 10.37
CA GLU A 568 -14.53 -25.93 10.46
C GLU A 568 -14.82 -25.28 9.10
N ALA A 569 -13.79 -25.11 8.25
CA ALA A 569 -13.86 -24.44 6.93
C ALA A 569 -13.42 -25.39 5.81
N LEU A 570 -14.15 -25.38 4.69
CA LEU A 570 -13.74 -26.00 3.41
C LEU A 570 -13.27 -24.91 2.45
N ILE A 571 -12.17 -25.19 1.73
CA ILE A 571 -11.51 -24.27 0.75
C ILE A 571 -11.65 -24.90 -0.63
N MET A 572 -11.80 -24.04 -1.66
CA MET A 572 -11.99 -24.46 -3.08
C MET A 572 -11.19 -23.50 -3.97
N THR A 573 -9.89 -23.77 -4.13
CA THR A 573 -8.92 -22.92 -4.87
C THR A 573 -9.04 -23.20 -6.37
N PHE A 574 -9.29 -22.15 -7.17
CA PHE A 574 -9.16 -22.14 -8.65
C PHE A 574 -7.88 -21.37 -9.01
N SER A 575 -6.84 -22.10 -9.39
CA SER A 575 -5.52 -21.57 -9.84
C SER A 575 -5.55 -21.36 -11.35
N LEU A 576 -5.58 -20.09 -11.80
CA LEU A 576 -5.47 -19.69 -13.23
C LEU A 576 -4.01 -19.40 -13.56
N ASN A 577 -3.64 -19.56 -14.83
CA ASN A 577 -2.27 -19.29 -15.36
C ASN A 577 -2.07 -17.77 -15.43
N ASN A 578 -1.07 -17.25 -14.71
CA ASN A 578 -0.69 -15.81 -14.73
C ASN A 578 0.19 -15.57 -15.97
N TYR A 579 0.01 -14.41 -16.61
CA TYR A 579 0.79 -13.96 -17.80
C TYR A 579 1.31 -12.55 -17.54
N PRO A 580 2.39 -12.10 -18.22
CA PRO A 580 2.86 -10.71 -18.07
C PRO A 580 1.78 -9.66 -18.36
N ALA A 581 1.99 -8.44 -17.85
CA ALA A 581 1.00 -7.33 -17.82
C ALA A 581 0.49 -6.97 -19.22
N GLY A 582 1.27 -7.25 -20.28
CA GLY A 582 0.96 -6.87 -21.68
C GLY A 582 0.45 -8.03 -22.53
N ASP A 583 0.22 -9.22 -21.98
CA ASP A 583 -0.27 -10.41 -22.73
C ASP A 583 -1.76 -10.26 -22.98
N PRO A 584 -2.26 -10.47 -24.22
CA PRO A 584 -3.70 -10.45 -24.49
C PRO A 584 -4.52 -11.59 -23.82
N ARG A 585 -3.85 -12.57 -23.19
CA ARG A 585 -4.47 -13.69 -22.45
C ARG A 585 -4.82 -13.30 -21.00
N LEU A 586 -4.36 -12.14 -20.50
CA LEU A 586 -4.63 -11.71 -19.10
C LEU A 586 -6.07 -11.19 -18.99
N ALA A 587 -6.56 -10.49 -20.02
CA ALA A 587 -7.97 -10.04 -20.16
C ALA A 587 -8.92 -11.24 -20.05
N GLN A 588 -8.54 -12.38 -20.63
CA GLN A 588 -9.31 -13.66 -20.62
C GLN A 588 -9.47 -14.15 -19.17
N ALA A 589 -8.35 -14.23 -18.44
CA ALA A 589 -8.29 -14.64 -17.01
C ALA A 589 -9.17 -13.71 -16.16
N LYS A 590 -9.07 -12.40 -16.40
CA LYS A 590 -9.81 -11.35 -15.64
C LYS A 590 -11.32 -11.43 -15.96
N LEU A 591 -11.69 -11.65 -17.23
CA LEU A 591 -13.12 -11.85 -17.63
C LEU A 591 -13.72 -13.05 -16.88
N TRP A 592 -13.00 -14.17 -16.85
CA TRP A 592 -13.43 -15.42 -16.16
C TRP A 592 -13.52 -15.17 -14.65
N GLU A 593 -12.57 -14.41 -14.08
CA GLU A 593 -12.54 -14.02 -12.64
C GLU A 593 -13.79 -13.22 -12.27
N GLU A 594 -14.19 -12.27 -13.13
CA GLU A 594 -15.41 -11.44 -12.95
C GLU A 594 -16.65 -12.35 -12.93
N ALA A 595 -16.73 -13.31 -13.86
CA ALA A 595 -17.84 -14.29 -13.97
C ALA A 595 -17.86 -15.21 -12.75
N PHE A 596 -16.69 -15.68 -12.31
CA PHE A 596 -16.51 -16.47 -11.05
C PHE A 596 -17.18 -15.72 -9.89
N LEU A 597 -16.83 -14.43 -9.72
CA LEU A 597 -17.32 -13.56 -8.60
C LEU A 597 -18.85 -13.42 -8.68
N GLU A 598 -19.41 -13.18 -9.87
CA GLU A 598 -20.87 -13.06 -10.11
C GLU A 598 -21.57 -14.38 -9.70
N GLU A 599 -21.01 -15.52 -10.12
CA GLU A 599 -21.55 -16.88 -9.80
C GLU A 599 -21.46 -17.12 -8.28
N MET A 600 -20.35 -16.71 -7.65
CA MET A 600 -20.13 -16.90 -6.18
C MET A 600 -21.08 -16.02 -5.37
N ARG A 601 -21.40 -14.81 -5.83
CA ARG A 601 -22.38 -13.89 -5.19
C ARG A 601 -23.79 -14.51 -5.27
N ALA A 602 -24.15 -15.05 -6.44
CA ALA A 602 -25.42 -15.78 -6.68
C ALA A 602 -25.49 -16.99 -5.75
N PHE A 603 -24.40 -17.78 -5.67
CA PHE A 603 -24.27 -18.96 -4.79
C PHE A 603 -24.38 -18.56 -3.31
N GLN A 604 -23.78 -17.42 -2.92
CA GLN A 604 -23.83 -16.88 -1.53
C GLN A 604 -25.28 -16.56 -1.17
N ARG A 605 -26.04 -15.94 -2.08
CA ARG A 605 -27.47 -15.55 -1.86
C ARG A 605 -28.34 -16.80 -1.73
N ARG A 606 -28.14 -17.81 -2.60
CA ARG A 606 -28.94 -19.07 -2.62
C ARG A 606 -28.81 -19.82 -1.30
N MET A 607 -27.60 -19.91 -0.74
CA MET A 607 -27.28 -20.67 0.49
C MET A 607 -27.02 -19.68 1.64
N ALA A 608 -28.07 -19.34 2.38
CA ALA A 608 -28.08 -18.31 3.45
C ALA A 608 -27.93 -18.99 4.83
N GLY A 609 -28.85 -19.89 5.16
CA GLY A 609 -28.90 -20.61 6.45
C GLY A 609 -27.91 -21.76 6.52
N MET A 610 -27.46 -22.27 5.36
CA MET A 610 -26.64 -23.51 5.24
C MET A 610 -25.14 -23.17 5.39
N PHE A 611 -24.60 -22.36 4.48
CA PHE A 611 -23.18 -21.95 4.42
C PHE A 611 -23.05 -20.48 4.86
N GLN A 612 -21.80 -20.06 5.10
CA GLN A 612 -21.37 -18.65 5.28
C GLN A 612 -20.23 -18.40 4.29
N VAL A 613 -20.57 -18.09 3.04
CA VAL A 613 -19.63 -18.04 1.89
C VAL A 613 -18.78 -16.77 2.02
N THR A 614 -17.45 -16.91 1.91
CA THR A 614 -16.49 -15.81 1.64
C THR A 614 -15.55 -16.26 0.51
N PHE A 615 -15.14 -15.33 -0.35
CA PHE A 615 -14.45 -15.61 -1.63
C PHE A 615 -13.68 -14.38 -2.10
N MET A 616 -12.67 -14.60 -2.95
CA MET A 616 -11.96 -13.53 -3.69
C MET A 616 -11.37 -14.12 -4.98
N ALA A 617 -11.39 -13.34 -6.06
CA ALA A 617 -10.59 -13.56 -7.29
C ALA A 617 -9.28 -12.78 -7.14
N GLU A 618 -8.29 -13.07 -7.99
CA GLU A 618 -7.00 -12.34 -8.04
C GLU A 618 -7.25 -10.88 -8.42
N ARG A 619 -8.31 -10.60 -9.20
CA ARG A 619 -8.70 -9.24 -9.65
C ARG A 619 -9.43 -8.46 -8.54
N SER A 620 -9.75 -9.08 -7.41
CA SER A 620 -10.69 -8.54 -6.37
C SER A 620 -10.12 -7.28 -5.70
N LEU A 621 -8.84 -7.31 -5.33
CA LEU A 621 -8.17 -6.21 -4.55
C LEU A 621 -8.04 -4.96 -5.43
N GLU A 622 -7.61 -5.16 -6.68
CA GLU A 622 -7.47 -4.09 -7.72
C GLU A 622 -8.83 -3.49 -8.06
N ASP A 623 -9.92 -4.25 -7.91
CA ASP A 623 -11.31 -3.85 -8.27
C ASP A 623 -12.02 -3.18 -7.09
N GLU A 624 -11.71 -3.58 -5.84
CA GLU A 624 -12.31 -3.01 -4.61
C GLU A 624 -11.55 -1.73 -4.19
N ILE A 625 -10.27 -1.61 -4.56
CA ILE A 625 -9.47 -0.36 -4.36
C ILE A 625 -10.01 0.73 -5.29
N ASN A 626 -10.29 0.40 -6.55
CA ASN A 626 -10.69 1.38 -7.61
C ASN A 626 -12.21 1.62 -7.62
N ARG A 627 -13.00 0.75 -6.98
CA ARG A 627 -14.46 0.95 -6.78
C ARG A 627 -14.67 2.17 -5.88
N THR A 628 -14.07 2.14 -4.68
CA THR A 628 -14.23 3.16 -3.62
C THR A 628 -13.49 4.45 -3.95
N THR A 629 -12.51 4.40 -4.87
CA THR A 629 -11.73 5.58 -5.33
C THR A 629 -12.64 6.53 -6.13
N ALA A 630 -13.62 6.00 -6.85
CA ALA A 630 -14.59 6.78 -7.69
C ALA A 630 -15.90 7.03 -6.93
N GLU A 631 -16.10 6.43 -5.75
CA GLU A 631 -17.34 6.56 -4.93
C GLU A 631 -17.21 7.68 -3.90
N ASP A 632 -15.98 8.09 -3.54
CA ASP A 632 -15.71 9.17 -2.55
C ASP A 632 -15.15 10.41 -3.26
N LEU A 633 -15.52 10.64 -4.53
CA LEU A 633 -15.21 11.90 -5.26
C LEU A 633 -16.21 13.01 -4.89
N PRO A 634 -17.51 12.72 -4.62
CA PRO A 634 -18.39 13.70 -3.99
C PRO A 634 -17.86 14.21 -2.65
N ILE A 635 -17.43 13.28 -1.78
CA ILE A 635 -16.92 13.53 -0.41
C ILE A 635 -15.57 14.29 -0.49
N PHE A 636 -14.84 14.17 -1.61
CA PHE A 636 -13.57 14.90 -1.85
C PHE A 636 -13.87 16.31 -2.38
N ALA A 637 -14.73 16.43 -3.39
CA ALA A 637 -15.12 17.72 -4.02
C ALA A 637 -15.78 18.64 -2.98
N THR A 638 -16.57 18.06 -2.05
CA THR A 638 -17.21 18.79 -0.92
C THR A 638 -16.16 19.51 -0.08
N SER A 639 -14.99 18.88 0.16
CA SER A 639 -13.86 19.46 0.93
C SER A 639 -13.48 20.83 0.35
N TYR A 640 -13.29 20.90 -0.98
CA TYR A 640 -12.83 22.13 -1.69
C TYR A 640 -13.98 23.14 -1.78
N ILE A 641 -15.22 22.66 -1.91
CA ILE A 641 -16.46 23.51 -1.81
C ILE A 641 -16.47 24.19 -0.43
N VAL A 642 -16.23 23.43 0.65
CA VAL A 642 -16.29 23.94 2.06
C VAL A 642 -15.14 24.94 2.29
N ILE A 643 -13.93 24.65 1.78
CA ILE A 643 -12.74 25.56 1.90
C ILE A 643 -13.03 26.87 1.16
N PHE A 644 -13.52 26.78 -0.09
CA PHE A 644 -14.03 27.95 -0.87
C PHE A 644 -15.01 28.73 0.00
N LEU A 645 -16.00 28.04 0.56
CA LEU A 645 -17.14 28.67 1.29
C LEU A 645 -16.63 29.36 2.56
N TYR A 646 -15.72 28.72 3.30
CA TYR A 646 -15.09 29.31 4.52
C TYR A 646 -14.31 30.57 4.12
N ILE A 647 -13.34 30.44 3.20
CA ILE A 647 -12.47 31.57 2.73
C ILE A 647 -13.38 32.69 2.23
N SER A 648 -14.49 32.36 1.56
CA SER A 648 -15.51 33.30 1.03
C SER A 648 -16.13 34.11 2.17
N LEU A 649 -16.70 33.45 3.19
CA LEU A 649 -17.41 34.13 4.31
C LEU A 649 -16.55 34.15 5.59
N ALA A 650 -15.21 34.25 5.45
CA ALA A 650 -14.27 34.57 6.55
C ALA A 650 -13.31 35.71 6.16
N LEU A 651 -13.48 36.32 4.98
CA LEU A 651 -12.84 37.61 4.58
C LEU A 651 -13.90 38.71 4.40
N GLY A 652 -15.19 38.37 4.49
CA GLY A 652 -16.31 39.32 4.35
C GLY A 652 -16.56 40.09 5.64
N SER A 653 -16.62 41.42 5.56
CA SER A 653 -16.89 42.33 6.72
C SER A 653 -18.38 42.34 7.04
N TYR A 654 -18.76 41.91 8.25
CA TYR A 654 -20.15 41.89 8.77
C TYR A 654 -20.26 42.88 9.94
N SER A 655 -20.45 44.16 9.59
CA SER A 655 -20.64 45.29 10.54
C SER A 655 -22.10 45.75 10.51
N SER A 656 -22.55 46.24 9.35
CA SER A 656 -23.95 46.68 9.07
C SER A 656 -24.72 45.55 8.37
N TRP A 657 -26.05 45.63 8.39
CA TRP A 657 -26.98 44.66 7.74
C TRP A 657 -27.62 45.32 6.51
N SER A 658 -26.84 46.06 5.73
CA SER A 658 -27.25 46.70 4.44
C SER A 658 -26.18 46.51 3.34
N ARG A 659 -24.90 46.32 3.70
CA ARG A 659 -23.76 46.24 2.73
C ARG A 659 -22.99 44.92 2.89
N VAL A 660 -23.62 43.87 3.43
CA VAL A 660 -22.99 42.53 3.62
C VAL A 660 -22.68 41.93 2.24
N MET A 661 -23.58 42.10 1.26
CA MET A 661 -23.44 41.52 -0.11
C MET A 661 -22.38 42.29 -0.91
N VAL A 662 -21.99 43.50 -0.46
CA VAL A 662 -20.89 44.29 -1.09
C VAL A 662 -19.56 43.95 -0.41
N ASP A 663 -19.58 43.74 0.92
CA ASP A 663 -18.38 43.39 1.72
C ASP A 663 -18.00 41.92 1.50
N SER A 664 -18.98 41.01 1.55
CA SER A 664 -18.80 39.54 1.40
C SER A 664 -18.00 39.25 0.12
N LYS A 665 -16.91 38.49 0.25
CA LYS A 665 -15.92 38.22 -0.84
C LYS A 665 -16.16 36.81 -1.38
N ALA A 666 -17.21 36.64 -2.18
CA ALA A 666 -17.55 35.39 -2.90
C ALA A 666 -16.61 35.22 -4.10
N THR A 667 -16.42 36.29 -4.88
CA THR A 667 -15.55 36.34 -6.09
C THR A 667 -14.12 35.96 -5.73
N LEU A 668 -13.60 36.49 -4.61
CA LEU A 668 -12.19 36.27 -4.16
C LEU A 668 -11.99 34.82 -3.71
N GLY A 669 -12.90 34.29 -2.88
CA GLY A 669 -12.88 32.88 -2.44
C GLY A 669 -12.91 31.93 -3.62
N LEU A 670 -13.90 32.10 -4.51
CA LEU A 670 -14.07 31.34 -5.78
C LEU A 670 -12.77 31.43 -6.58
N GLY A 671 -12.31 32.65 -6.86
CA GLY A 671 -11.08 32.91 -7.63
C GLY A 671 -9.87 32.22 -7.04
N GLY A 672 -9.63 32.40 -5.74
CA GLY A 672 -8.50 31.78 -4.99
C GLY A 672 -8.48 30.27 -5.15
N VAL A 673 -9.63 29.62 -4.94
CA VAL A 673 -9.80 28.14 -5.08
C VAL A 673 -9.59 27.74 -6.54
N ALA A 674 -10.18 28.49 -7.48
CA ALA A 674 -10.02 28.28 -8.95
C ALA A 674 -8.53 28.32 -9.33
N VAL A 675 -7.79 29.30 -8.79
CA VAL A 675 -6.32 29.49 -9.02
C VAL A 675 -5.57 28.25 -8.52
N VAL A 676 -5.87 27.78 -7.30
CA VAL A 676 -5.21 26.59 -6.68
C VAL A 676 -5.51 25.34 -7.51
N LEU A 677 -6.78 25.14 -7.92
CA LEU A 677 -7.19 23.99 -8.77
C LEU A 677 -6.48 24.09 -10.14
N GLY A 678 -6.34 25.30 -10.69
CA GLY A 678 -5.52 25.58 -11.88
C GLY A 678 -4.10 25.07 -11.72
N ALA A 679 -3.46 25.41 -10.59
CA ALA A 679 -2.07 25.01 -10.23
C ALA A 679 -1.96 23.48 -10.18
N VAL A 680 -2.89 22.82 -9.47
CA VAL A 680 -2.95 21.34 -9.30
C VAL A 680 -3.07 20.66 -10.68
N MET A 681 -4.02 21.11 -11.50
CA MET A 681 -4.27 20.56 -12.86
C MET A 681 -3.05 20.78 -13.77
N ALA A 682 -2.39 21.94 -13.66
CA ALA A 682 -1.14 22.27 -14.39
C ALA A 682 -0.05 21.25 -14.02
N ALA A 683 0.10 20.94 -12.73
CA ALA A 683 1.10 19.99 -12.20
C ALA A 683 0.83 18.58 -12.75
N MET A 684 -0.38 18.06 -12.54
CA MET A 684 -0.83 16.73 -13.04
C MET A 684 -0.62 16.65 -14.55
N GLY A 685 -1.03 17.68 -15.29
CA GLY A 685 -0.90 17.79 -16.76
C GLY A 685 0.55 17.76 -17.21
N PHE A 686 1.42 18.56 -16.58
CA PHE A 686 2.87 18.62 -16.90
C PHE A 686 3.52 17.24 -16.71
N PHE A 687 3.17 16.54 -15.63
CA PHE A 687 3.75 15.20 -15.29
C PHE A 687 3.21 14.13 -16.24
N SER A 688 1.96 14.27 -16.69
CA SER A 688 1.31 13.36 -17.69
C SER A 688 1.90 13.58 -19.09
N TYR A 689 2.46 14.76 -19.39
CA TYR A 689 3.16 15.07 -20.67
C TYR A 689 4.41 14.19 -20.83
N LEU A 690 5.07 13.84 -19.72
CA LEU A 690 6.34 13.06 -19.70
C LEU A 690 6.05 11.55 -19.63
N GLY A 691 4.78 11.15 -19.74
CA GLY A 691 4.34 9.74 -19.81
C GLY A 691 4.47 9.03 -18.47
N ILE A 692 4.49 9.78 -17.35
CA ILE A 692 4.51 9.20 -15.97
C ILE A 692 3.12 8.64 -15.68
N ARG A 693 3.08 7.38 -15.23
CA ARG A 693 1.83 6.58 -15.07
C ARG A 693 1.35 6.70 -13.62
N SER A 694 0.20 7.33 -13.40
CA SER A 694 -0.42 7.56 -12.08
C SER A 694 -1.56 6.56 -11.86
N SER A 695 -2.33 6.76 -10.78
CA SER A 695 -3.60 6.04 -10.48
C SER A 695 -4.58 7.03 -9.84
N LEU A 696 -5.88 6.75 -9.94
CA LEU A 696 -6.95 7.64 -9.40
C LEU A 696 -6.86 7.73 -7.87
N VAL A 697 -6.17 6.79 -7.21
CA VAL A 697 -5.81 6.86 -5.76
C VAL A 697 -4.75 7.95 -5.53
N ILE A 698 -3.96 8.31 -6.55
CA ILE A 698 -2.88 9.35 -6.46
C ILE A 698 -3.43 10.72 -6.87
N LEU A 699 -4.25 10.79 -7.93
CA LEU A 699 -4.82 12.07 -8.45
C LEU A 699 -6.06 12.48 -7.64
N GLN A 700 -6.36 11.82 -6.53
CA GLN A 700 -7.52 12.08 -5.63
C GLN A 700 -7.10 13.04 -4.51
N VAL A 701 -5.96 12.75 -3.87
CA VAL A 701 -5.50 13.39 -2.60
C VAL A 701 -4.47 14.49 -2.90
N VAL A 702 -3.94 14.58 -4.13
CA VAL A 702 -2.98 15.64 -4.55
C VAL A 702 -3.63 17.01 -4.33
N PRO A 703 -4.83 17.30 -4.88
CA PRO A 703 -5.43 18.63 -4.74
C PRO A 703 -5.66 19.05 -3.28
N PHE A 704 -6.01 18.10 -2.40
CA PHE A 704 -6.31 18.32 -0.97
C PHE A 704 -5.12 18.95 -0.25
N LEU A 705 -3.96 18.26 -0.22
CA LEU A 705 -2.74 18.74 0.47
C LEU A 705 -2.23 20.03 -0.18
N VAL A 706 -2.24 20.11 -1.52
CA VAL A 706 -1.79 21.30 -2.29
C VAL A 706 -2.70 22.50 -1.94
N LEU A 707 -4.01 22.28 -1.80
CA LEU A 707 -5.00 23.35 -1.47
C LEU A 707 -4.87 23.76 0.00
N SER A 708 -4.74 22.79 0.91
CA SER A 708 -4.55 23.03 2.38
C SER A 708 -3.28 23.86 2.62
N VAL A 709 -2.28 23.76 1.73
CA VAL A 709 -1.03 24.56 1.74
C VAL A 709 -1.28 25.91 1.01
N GLY A 710 -1.92 25.87 -0.16
CA GLY A 710 -2.01 27.01 -1.10
C GLY A 710 -3.08 28.02 -0.74
N ALA A 711 -4.08 27.66 0.07
CA ALA A 711 -5.23 28.54 0.46
C ALA A 711 -4.80 29.52 1.55
N ASP A 712 -3.92 29.07 2.46
CA ASP A 712 -3.41 29.84 3.63
C ASP A 712 -2.74 31.15 3.15
N ASN A 713 -1.93 31.05 2.09
CA ASN A 713 -1.17 32.17 1.48
C ASN A 713 -2.14 33.27 1.03
N ILE A 714 -3.17 32.90 0.24
CA ILE A 714 -4.21 33.84 -0.28
C ILE A 714 -4.96 34.47 0.89
N PHE A 715 -5.39 33.66 1.87
CA PHE A 715 -6.13 34.12 3.07
C PHE A 715 -5.31 35.21 3.78
N ILE A 716 -4.06 34.88 4.15
CA ILE A 716 -3.12 35.80 4.88
C ILE A 716 -2.87 37.06 4.06
N PHE A 717 -2.70 36.95 2.74
CA PHE A 717 -2.47 38.11 1.83
C PHE A 717 -3.67 39.06 1.89
N VAL A 718 -4.89 38.53 1.72
CA VAL A 718 -6.15 39.36 1.68
C VAL A 718 -6.39 39.95 3.08
N LEU A 719 -6.13 39.19 4.16
CA LEU A 719 -6.23 39.70 5.55
C LEU A 719 -5.32 40.92 5.72
N GLU A 720 -4.04 40.80 5.33
CA GLU A 720 -3.05 41.91 5.46
C GLU A 720 -3.54 43.11 4.65
N TYR A 721 -3.93 42.90 3.39
CA TYR A 721 -4.48 43.95 2.49
C TYR A 721 -5.70 44.62 3.15
N GLN A 722 -6.55 43.84 3.82
CA GLN A 722 -7.75 44.34 4.56
C GLN A 722 -7.31 45.22 5.74
N ARG A 723 -6.35 44.74 6.55
CA ARG A 723 -5.91 45.41 7.80
C ARG A 723 -5.06 46.66 7.51
N LEU A 724 -4.21 46.61 6.48
CA LEU A 724 -3.26 47.69 6.10
C LEU A 724 -4.07 48.95 5.81
N PRO A 725 -3.95 50.03 6.64
CA PRO A 725 -4.72 51.25 6.43
C PRO A 725 -4.14 52.06 5.26
N ARG A 726 -4.98 52.48 4.32
CA ARG A 726 -4.58 53.23 3.10
C ARG A 726 -4.09 54.62 3.51
N ARG A 727 -2.93 55.05 2.97
CA ARG A 727 -2.38 56.41 3.15
C ARG A 727 -3.30 57.42 2.46
N PRO A 728 -3.39 58.69 2.93
CA PRO A 728 -4.31 59.66 2.32
C PRO A 728 -3.97 60.01 0.87
N GLY A 729 -4.96 59.89 -0.03
CA GLY A 729 -4.84 60.19 -1.47
C GLY A 729 -3.91 59.23 -2.20
N GLU A 730 -3.76 58.00 -1.68
CA GLU A 730 -2.94 56.92 -2.29
C GLU A 730 -3.87 56.06 -3.16
N PRO A 731 -3.47 55.66 -4.39
CA PRO A 731 -4.30 54.81 -5.23
C PRO A 731 -4.28 53.34 -4.75
N ARG A 732 -5.24 52.52 -5.21
CA ARG A 732 -5.42 51.11 -4.79
C ARG A 732 -4.24 50.25 -5.28
N GLU A 733 -3.69 50.57 -6.46
CA GLU A 733 -2.57 49.83 -7.11
C GLU A 733 -1.35 49.81 -6.18
N VAL A 734 -0.96 50.99 -5.66
CA VAL A 734 0.21 51.16 -4.73
C VAL A 734 -0.11 50.46 -3.40
N HIS A 735 -1.36 50.51 -2.93
CA HIS A 735 -1.82 49.88 -1.67
C HIS A 735 -1.69 48.35 -1.77
N ILE A 736 -2.16 47.75 -2.89
CA ILE A 736 -2.04 46.29 -3.15
C ILE A 736 -0.57 45.91 -3.28
N GLY A 737 0.21 46.72 -4.02
CA GLY A 737 1.67 46.60 -4.12
C GLY A 737 2.32 46.55 -2.74
N ARG A 738 1.96 47.50 -1.86
CA ARG A 738 2.53 47.65 -0.50
C ARG A 738 2.18 46.42 0.35
N ALA A 739 0.91 45.99 0.33
CA ALA A 739 0.40 44.80 1.05
C ALA A 739 1.14 43.55 0.58
N LEU A 740 1.32 43.37 -0.73
CA LEU A 740 2.03 42.19 -1.30
C LEU A 740 3.52 42.25 -0.89
N GLY A 741 4.18 43.38 -1.13
CA GLY A 741 5.57 43.63 -0.70
C GLY A 741 5.78 43.34 0.77
N ARG A 742 4.75 43.55 1.60
CA ARG A 742 4.77 43.30 3.07
C ARG A 742 4.78 41.80 3.37
N VAL A 743 3.96 40.99 2.67
CA VAL A 743 3.68 39.57 3.04
C VAL A 743 4.29 38.56 2.04
N ALA A 744 4.99 39.02 1.00
CA ALA A 744 5.48 38.16 -0.11
C ALA A 744 6.68 37.31 0.32
N PRO A 745 7.71 37.85 1.03
CA PRO A 745 8.81 37.03 1.52
C PRO A 745 8.38 35.83 2.38
N SER A 746 7.38 36.02 3.25
CA SER A 746 6.78 34.97 4.11
C SER A 746 6.15 33.86 3.26
N MET A 747 5.41 34.24 2.21
CA MET A 747 4.73 33.31 1.27
C MET A 747 5.76 32.60 0.38
N LEU A 748 6.81 33.31 -0.05
CA LEU A 748 7.96 32.70 -0.78
C LEU A 748 8.61 31.63 0.11
N LEU A 749 8.86 31.96 1.39
CA LEU A 749 9.46 31.02 2.38
C LEU A 749 8.60 29.76 2.49
N CYS A 750 7.32 29.93 2.84
CA CYS A 750 6.33 28.83 2.99
C CYS A 750 6.37 27.95 1.74
N SER A 751 6.15 28.53 0.56
CA SER A 751 6.06 27.84 -0.75
C SER A 751 7.36 27.08 -1.06
N LEU A 752 8.53 27.70 -0.85
CA LEU A 752 9.86 27.05 -1.09
C LEU A 752 10.05 25.89 -0.10
N SER A 753 9.82 26.13 1.19
CA SER A 753 9.95 25.11 2.27
C SER A 753 9.10 23.88 1.95
N GLU A 754 7.85 24.09 1.55
CA GLU A 754 6.85 23.01 1.26
C GLU A 754 7.22 22.28 -0.03
N ALA A 755 7.63 23.00 -1.08
CA ALA A 755 8.08 22.45 -2.38
C ALA A 755 9.32 21.56 -2.17
N ILE A 756 10.31 22.04 -1.42
CA ILE A 756 11.57 21.30 -1.10
C ILE A 756 11.23 20.05 -0.28
N CYS A 757 10.41 20.19 0.76
CA CYS A 757 9.95 19.08 1.64
C CYS A 757 9.29 17.99 0.78
N PHE A 758 8.42 18.37 -0.16
CA PHE A 758 7.73 17.41 -1.08
C PHE A 758 8.75 16.74 -2.00
N PHE A 759 9.68 17.49 -2.60
CA PHE A 759 10.71 16.96 -3.53
C PHE A 759 11.73 16.07 -2.79
N LEU A 760 11.88 16.23 -1.47
CA LEU A 760 12.71 15.34 -0.62
C LEU A 760 11.88 14.15 -0.11
N GLY A 761 10.56 14.34 0.06
CA GLY A 761 9.58 13.26 0.27
C GLY A 761 9.45 12.36 -0.95
N ALA A 762 9.87 12.84 -2.13
CA ALA A 762 9.83 12.11 -3.42
C ALA A 762 11.09 11.26 -3.64
N LEU A 763 11.75 10.81 -2.56
CA LEU A 763 12.89 9.84 -2.62
C LEU A 763 12.42 8.44 -2.20
N THR A 764 11.11 8.24 -1.96
CA THR A 764 10.52 6.95 -1.50
C THR A 764 10.72 5.89 -2.58
N PRO A 765 11.02 4.62 -2.21
CA PRO A 765 11.06 3.52 -3.18
C PRO A 765 9.71 3.28 -3.89
N MET A 766 8.58 3.52 -3.20
CA MET A 766 7.20 3.33 -3.74
C MET A 766 6.92 4.36 -4.84
N PRO A 767 6.78 3.94 -6.12
CA PRO A 767 6.49 4.87 -7.21
C PRO A 767 5.19 5.69 -7.07
N ALA A 768 4.19 5.15 -6.38
CA ALA A 768 2.88 5.81 -6.11
C ALA A 768 3.09 7.08 -5.27
N VAL A 769 3.76 6.93 -4.11
CA VAL A 769 4.10 8.04 -3.17
C VAL A 769 5.09 8.99 -3.85
N ARG A 770 6.00 8.47 -4.68
CA ARG A 770 6.99 9.27 -5.46
C ARG A 770 6.25 10.21 -6.42
N THR A 771 5.32 9.67 -7.22
CA THR A 771 4.45 10.43 -8.17
C THR A 771 3.65 11.48 -7.39
N PHE A 772 3.00 11.06 -6.30
CA PHE A 772 2.21 11.92 -5.37
C PHE A 772 3.06 13.13 -4.94
N ALA A 773 4.25 12.86 -4.41
CA ALA A 773 5.19 13.86 -3.85
C ALA A 773 5.64 14.85 -4.93
N LEU A 774 6.06 14.35 -6.09
CA LEU A 774 6.58 15.17 -7.23
C LEU A 774 5.46 16.07 -7.79
N THR A 775 4.26 15.52 -7.99
CA THR A 775 3.06 16.27 -8.47
C THR A 775 2.73 17.38 -7.47
N SER A 776 2.61 17.03 -6.19
CA SER A 776 2.32 17.96 -5.06
C SER A 776 3.38 19.06 -5.01
N GLY A 777 4.67 18.69 -5.10
CA GLY A 777 5.82 19.62 -5.11
C GLY A 777 5.71 20.67 -6.19
N LEU A 778 5.49 20.25 -7.44
CA LEU A 778 5.32 21.18 -8.61
C LEU A 778 4.03 21.98 -8.45
N ALA A 779 2.94 21.34 -8.01
CA ALA A 779 1.61 21.97 -7.79
C ALA A 779 1.76 23.18 -6.85
N VAL A 780 2.51 23.02 -5.75
CA VAL A 780 2.78 24.11 -4.75
C VAL A 780 3.57 25.24 -5.43
N ILE A 781 4.59 24.92 -6.24
CA ILE A 781 5.44 25.91 -6.95
C ILE A 781 4.55 26.74 -7.90
N LEU A 782 3.77 26.06 -8.76
CA LEU A 782 2.86 26.73 -9.73
C LEU A 782 1.75 27.48 -8.98
N ASP A 783 1.31 26.97 -7.82
CA ASP A 783 0.35 27.64 -6.92
C ASP A 783 0.90 29.03 -6.53
N PHE A 784 2.15 29.09 -6.07
CA PHE A 784 2.83 30.35 -5.67
C PHE A 784 2.92 31.30 -6.87
N LEU A 785 3.40 30.81 -8.02
CA LEU A 785 3.57 31.61 -9.27
C LEU A 785 2.22 32.21 -9.69
N LEU A 786 1.11 31.48 -9.50
CA LEU A 786 -0.25 31.95 -9.85
C LEU A 786 -0.76 32.96 -8.81
N GLN A 787 -0.53 32.70 -7.52
CA GLN A 787 -0.91 33.61 -6.39
C GLN A 787 -0.24 34.97 -6.55
N MET A 788 0.98 35.03 -7.09
CA MET A 788 1.76 36.28 -7.23
C MET A 788 1.23 37.13 -8.40
N SER A 789 0.75 36.51 -9.49
CA SER A 789 0.28 37.20 -10.72
C SER A 789 -1.25 37.20 -10.81
N ALA A 790 -1.85 36.03 -11.07
CA ALA A 790 -3.28 35.86 -11.39
C ALA A 790 -4.15 36.36 -10.23
N PHE A 791 -3.83 35.93 -9.00
CA PHE A 791 -4.63 36.26 -7.79
C PHE A 791 -4.51 37.75 -7.44
N VAL A 792 -3.33 38.36 -7.63
CA VAL A 792 -3.09 39.80 -7.34
C VAL A 792 -3.92 40.64 -8.30
N ALA A 793 -3.91 40.29 -9.59
CA ALA A 793 -4.77 40.89 -10.64
C ALA A 793 -6.25 40.76 -10.26
N LEU A 794 -6.64 39.57 -9.79
CA LEU A 794 -8.03 39.27 -9.34
C LEU A 794 -8.41 40.13 -8.12
N LEU A 795 -7.49 40.28 -7.15
CA LEU A 795 -7.70 41.10 -5.92
C LEU A 795 -7.87 42.57 -6.32
N SER A 796 -7.06 43.05 -7.28
CA SER A 796 -7.14 44.42 -7.85
C SER A 796 -8.54 44.67 -8.44
N LEU A 797 -9.07 43.72 -9.22
CA LEU A 797 -10.41 43.81 -9.85
C LEU A 797 -11.51 43.77 -8.77
N ASP A 798 -11.37 42.92 -7.75
CA ASP A 798 -12.33 42.80 -6.62
C ASP A 798 -12.37 44.11 -5.84
N SER A 799 -11.19 44.66 -5.50
CA SER A 799 -11.03 45.96 -4.81
C SER A 799 -11.73 47.08 -5.60
N LYS A 800 -11.54 47.09 -6.93
CA LYS A 800 -12.18 48.07 -7.86
C LYS A 800 -13.70 47.91 -7.80
N ARG A 801 -14.20 46.68 -7.93
CA ARG A 801 -15.67 46.36 -7.93
C ARG A 801 -16.28 46.66 -6.55
N GLN A 802 -15.48 46.63 -5.47
CA GLN A 802 -15.92 47.01 -4.09
C GLN A 802 -16.01 48.54 -3.99
N GLU A 803 -14.94 49.26 -4.31
CA GLU A 803 -14.82 50.74 -4.15
C GLU A 803 -15.82 51.48 -5.05
N ALA A 804 -16.24 50.86 -6.17
CA ALA A 804 -17.24 51.39 -7.11
C ALA A 804 -18.68 51.21 -6.59
N SER A 805 -18.84 50.69 -5.36
CA SER A 805 -20.13 50.57 -4.62
C SER A 805 -21.04 49.52 -5.27
N ARG A 806 -20.48 48.63 -6.11
CA ARG A 806 -21.22 47.51 -6.76
C ARG A 806 -21.13 46.28 -5.84
N LEU A 807 -21.97 45.27 -6.10
CA LEU A 807 -22.04 44.01 -5.31
C LEU A 807 -20.83 43.13 -5.65
N ASP A 808 -20.80 41.87 -5.19
CA ASP A 808 -19.63 40.94 -5.33
C ASP A 808 -19.82 40.09 -6.60
N VAL A 809 -20.71 39.08 -6.55
CA VAL A 809 -20.99 38.12 -7.68
C VAL A 809 -22.36 38.42 -8.28
N CYS A 810 -23.15 39.32 -7.67
CA CYS A 810 -24.47 39.81 -8.16
C CYS A 810 -24.29 41.25 -8.71
N CYS A 811 -23.10 41.56 -9.22
CA CYS A 811 -22.64 42.94 -9.58
C CYS A 811 -22.74 43.18 -11.09
N CYS A 812 -22.50 44.44 -11.48
CA CYS A 812 -22.38 44.96 -12.88
C CYS A 812 -23.75 45.38 -13.44
N VAL A 813 -24.84 44.99 -12.78
CA VAL A 813 -26.23 45.47 -13.04
C VAL A 813 -26.74 46.23 -11.81
N LYS A 814 -25.92 46.33 -10.74
CA LYS A 814 -26.33 46.77 -9.38
C LYS A 814 -25.25 47.62 -8.71
N PRO A 815 -24.97 48.87 -9.16
CA PRO A 815 -24.13 49.82 -8.41
C PRO A 815 -24.92 50.72 -7.42
N GLN A 816 -26.07 50.24 -6.93
CA GLN A 816 -27.19 51.10 -6.45
C GLN A 816 -26.71 52.05 -5.35
N GLU A 817 -26.38 51.54 -4.15
CA GLU A 817 -26.06 52.37 -2.95
C GLU A 817 -25.72 51.49 -1.74
N LEU A 818 -25.07 52.08 -0.72
CA LEU A 818 -24.83 51.49 0.63
C LEU A 818 -24.83 52.57 1.71
N PRO A 819 -24.78 52.19 3.01
CA PRO A 819 -24.36 53.12 4.06
C PRO A 819 -22.86 53.44 3.98
N PRO A 820 -22.33 54.35 4.84
CA PRO A 820 -20.90 54.68 4.87
C PRO A 820 -19.96 53.49 4.61
N PRO A 821 -18.99 53.61 3.67
CA PRO A 821 -18.25 52.45 3.18
C PRO A 821 -17.32 51.81 4.21
N GLY A 822 -16.40 52.59 4.79
CA GLY A 822 -15.39 52.12 5.77
C GLY A 822 -15.98 52.04 7.17
N GLN A 823 -15.79 50.90 7.84
CA GLN A 823 -16.37 50.60 9.18
C GLN A 823 -15.23 50.36 10.18
N GLY A 824 -15.57 50.11 11.45
CA GLY A 824 -14.62 50.04 12.58
C GLY A 824 -13.87 48.72 12.64
N GLU A 825 -13.45 48.31 13.85
CA GLU A 825 -12.61 47.11 14.10
C GLU A 825 -13.46 45.83 13.95
N GLY A 826 -12.81 44.72 13.61
CA GLY A 826 -13.46 43.40 13.40
C GLY A 826 -13.70 42.66 14.71
N LEU A 827 -14.29 41.48 14.62
CA LEU A 827 -14.59 40.57 15.78
C LEU A 827 -13.38 39.67 16.06
N LEU A 828 -12.62 39.29 15.02
CA LEU A 828 -11.44 38.40 15.14
C LEU A 828 -10.38 39.06 16.02
N LEU A 829 -9.94 40.27 15.65
CA LEU A 829 -8.99 41.08 16.45
C LEU A 829 -9.67 41.52 17.76
N GLY A 830 -10.98 41.77 17.74
CA GLY A 830 -11.79 42.05 18.95
C GLY A 830 -11.60 40.98 20.01
N PHE A 831 -11.82 39.71 19.64
CA PHE A 831 -11.63 38.51 20.48
C PHE A 831 -10.16 38.41 20.91
N PHE A 832 -9.24 38.39 19.93
CA PHE A 832 -7.79 38.17 20.14
C PHE A 832 -7.16 39.30 20.97
N GLN A 833 -7.79 40.48 21.05
CA GLN A 833 -7.28 41.66 21.81
C GLN A 833 -7.85 41.65 23.24
N LYS A 834 -9.13 41.32 23.41
CA LYS A 834 -9.89 41.54 24.67
C LYS A 834 -10.08 40.24 25.47
N ALA A 835 -10.05 39.06 24.82
CA ALA A 835 -10.32 37.74 25.46
C ALA A 835 -9.03 36.91 25.54
N TYR A 836 -8.39 36.62 24.40
CA TYR A 836 -7.35 35.57 24.24
C TYR A 836 -5.98 36.07 24.73
N ALA A 837 -5.40 37.07 24.07
CA ALA A 837 -3.99 37.49 24.24
C ALA A 837 -3.70 37.89 25.69
N PRO A 838 -4.58 38.63 26.40
CA PRO A 838 -4.44 38.82 27.84
C PRO A 838 -4.53 37.55 28.69
N PHE A 839 -5.33 36.56 28.25
CA PHE A 839 -5.54 35.26 28.95
C PHE A 839 -4.32 34.34 28.76
N LEU A 840 -3.85 34.16 27.51
CA LEU A 840 -2.68 33.32 27.15
C LEU A 840 -1.42 33.88 27.82
N LEU A 841 -1.23 35.20 27.76
CA LEU A 841 -0.07 35.92 28.37
C LEU A 841 -0.51 36.52 29.71
N HIS A 842 -1.08 35.68 30.59
CA HIS A 842 -1.32 35.96 32.03
C HIS A 842 0.01 35.75 32.77
N TRP A 843 0.10 36.18 34.03
CA TRP A 843 1.19 35.79 34.96
C TRP A 843 1.29 34.26 35.06
N ILE A 844 0.15 33.56 35.18
CA ILE A 844 0.05 32.11 35.47
C ILE A 844 0.20 31.29 34.19
N THR A 845 -0.55 31.64 33.14
CA THR A 845 -0.79 30.82 31.92
C THR A 845 0.54 30.52 31.20
N ARG A 846 1.52 31.44 31.23
CA ARG A 846 2.85 31.25 30.59
C ARG A 846 3.55 30.04 31.24
N GLY A 847 3.64 30.03 32.58
CA GLY A 847 4.21 28.92 33.38
C GLY A 847 3.47 27.62 33.15
N VAL A 848 2.14 27.64 33.25
CA VAL A 848 1.25 26.44 33.09
C VAL A 848 1.43 25.86 31.68
N VAL A 849 1.20 26.68 30.64
CA VAL A 849 1.31 26.28 29.20
C VAL A 849 2.70 25.67 28.96
N LEU A 850 3.77 26.34 29.38
CA LEU A 850 5.17 25.88 29.16
C LEU A 850 5.37 24.51 29.79
N LEU A 851 5.02 24.37 31.08
CA LEU A 851 5.08 23.09 31.84
C LEU A 851 4.28 22.01 31.10
N LEU A 852 3.05 22.32 30.68
CA LEU A 852 2.09 21.34 30.08
C LEU A 852 2.63 20.84 28.73
N PHE A 853 3.25 21.72 27.94
CA PHE A 853 3.83 21.40 26.61
C PHE A 853 5.11 20.55 26.77
N LEU A 854 5.92 20.81 27.80
CA LEU A 854 7.12 19.98 28.12
C LEU A 854 6.67 18.58 28.58
N ALA A 855 5.60 18.50 29.37
CA ALA A 855 4.96 17.23 29.80
C ALA A 855 4.43 16.47 28.58
N LEU A 856 3.75 17.17 27.66
CA LEU A 856 3.19 16.59 26.41
C LEU A 856 4.34 16.05 25.53
N PHE A 857 5.46 16.79 25.43
CA PHE A 857 6.66 16.40 24.64
C PHE A 857 7.25 15.11 25.22
N GLY A 858 7.40 15.05 26.55
CA GLY A 858 7.88 13.86 27.30
C GLY A 858 7.03 12.64 27.02
N VAL A 859 5.70 12.77 27.15
CA VAL A 859 4.70 11.68 26.90
C VAL A 859 4.82 11.22 25.43
N SER A 860 4.85 12.17 24.49
CA SER A 860 4.96 11.90 23.03
C SER A 860 6.27 11.18 22.72
N LEU A 861 7.39 11.63 23.30
CA LEU A 861 8.74 10.99 23.12
C LEU A 861 8.70 9.54 23.60
N TYR A 862 8.06 9.28 24.76
CA TYR A 862 7.87 7.90 25.31
C TYR A 862 7.04 7.07 24.34
N SER A 863 5.85 7.58 23.97
CA SER A 863 4.81 6.85 23.19
C SER A 863 5.24 6.61 21.74
N MET A 864 6.18 7.40 21.19
CA MET A 864 6.64 7.27 19.78
C MET A 864 7.33 5.92 19.55
N CYS A 865 7.88 5.31 20.62
CA CYS A 865 8.62 4.01 20.59
C CYS A 865 7.68 2.84 20.24
N HIS A 866 6.41 2.89 20.67
CA HIS A 866 5.40 1.82 20.45
C HIS A 866 4.64 2.07 19.13
N ILE A 867 5.35 2.47 18.08
CA ILE A 867 4.81 2.71 16.71
C ILE A 867 4.84 1.37 15.96
N SER A 868 3.74 1.03 15.27
CA SER A 868 3.59 -0.20 14.44
C SER A 868 4.02 0.11 13.01
N VAL A 869 5.16 -0.44 12.57
CA VAL A 869 5.72 -0.24 11.21
C VAL A 869 5.09 -1.28 10.28
N GLY A 870 4.18 -0.86 9.39
CA GLY A 870 3.57 -1.72 8.36
C GLY A 870 2.17 -1.29 7.96
N LEU A 871 1.93 -1.21 6.65
CA LEU A 871 0.59 -1.02 6.03
C LEU A 871 0.04 -2.40 5.64
N ASP A 872 -0.69 -3.04 6.56
CA ASP A 872 -1.40 -4.32 6.32
C ASP A 872 -2.54 -4.06 5.33
N GLN A 873 -3.01 -5.11 4.65
CA GLN A 873 -4.29 -5.10 3.88
C GLN A 873 -5.43 -4.83 4.87
N GLU A 874 -6.66 -4.72 4.39
CA GLU A 874 -7.87 -4.38 5.20
C GLU A 874 -7.84 -2.88 5.57
N LEU A 875 -6.83 -2.13 5.09
CA LEU A 875 -6.76 -0.64 5.15
C LEU A 875 -6.97 -0.06 3.75
N ALA A 876 -6.40 -0.67 2.71
CA ALA A 876 -6.57 -0.27 1.29
C ALA A 876 -8.05 -0.31 0.89
N LEU A 877 -8.82 -1.25 1.46
CA LEU A 877 -10.24 -1.52 1.12
C LEU A 877 -11.17 -0.61 1.92
N PRO A 878 -12.45 -0.45 1.49
CA PRO A 878 -13.50 0.09 2.35
C PRO A 878 -13.83 -0.83 3.54
N LYS A 879 -14.79 -0.42 4.38
CA LYS A 879 -15.27 -1.21 5.55
C LYS A 879 -16.55 -1.99 5.20
N ASP A 880 -17.07 -1.86 3.96
CA ASP A 880 -18.29 -2.57 3.48
C ASP A 880 -17.92 -3.66 2.47
N SER A 881 -16.62 -3.94 2.27
CA SER A 881 -16.09 -4.85 1.21
C SER A 881 -16.45 -6.31 1.52
N TYR A 882 -16.55 -7.13 0.48
CA TYR A 882 -16.70 -8.61 0.57
C TYR A 882 -15.32 -9.26 0.81
N LEU A 883 -14.23 -8.50 0.62
CA LEU A 883 -12.83 -8.96 0.82
C LEU A 883 -12.45 -8.93 2.32
N LEU A 884 -13.03 -8.03 3.11
CA LEU A 884 -12.78 -7.95 4.58
C LEU A 884 -13.22 -9.27 5.23
N ASP A 885 -14.44 -9.73 4.90
CA ASP A 885 -15.02 -11.01 5.39
C ASP A 885 -14.10 -12.16 4.97
N TYR A 886 -13.63 -12.16 3.72
CA TYR A 886 -12.67 -13.15 3.17
C TYR A 886 -11.38 -13.13 4.00
N PHE A 887 -10.83 -11.93 4.31
CA PHE A 887 -9.55 -11.78 5.05
C PHE A 887 -9.72 -12.23 6.50
N LEU A 888 -10.88 -11.97 7.12
CA LEU A 888 -11.22 -12.50 8.48
C LEU A 888 -11.15 -14.02 8.46
N PHE A 889 -11.73 -14.66 7.44
CA PHE A 889 -11.77 -16.15 7.28
C PHE A 889 -10.37 -16.69 6.94
N LEU A 890 -9.64 -16.03 6.04
CA LEU A 890 -8.27 -16.40 5.59
C LEU A 890 -7.29 -16.32 6.77
N ASN A 891 -7.51 -15.37 7.71
CA ASN A 891 -6.67 -15.25 8.93
C ASN A 891 -7.09 -16.32 9.95
N ARG A 892 -8.40 -16.50 10.17
CA ARG A 892 -8.96 -17.33 11.27
C ARG A 892 -8.80 -18.83 10.95
N TYR A 893 -9.23 -19.27 9.76
CA TYR A 893 -9.47 -20.70 9.43
C TYR A 893 -8.28 -21.32 8.68
N PHE A 894 -7.50 -20.55 7.92
CA PHE A 894 -6.35 -21.10 7.13
C PHE A 894 -5.25 -21.62 8.05
N GLU A 895 -4.51 -22.63 7.57
CA GLU A 895 -3.50 -23.40 8.35
C GLU A 895 -2.08 -23.15 7.83
N VAL A 896 -1.91 -22.64 6.61
CA VAL A 896 -0.58 -22.26 6.04
C VAL A 896 -0.72 -20.95 5.25
N GLY A 897 0.33 -20.13 5.24
CA GLY A 897 0.41 -18.89 4.44
C GLY A 897 0.67 -19.19 2.97
N ALA A 898 1.34 -18.27 2.27
CA ALA A 898 1.75 -18.42 0.85
C ALA A 898 2.91 -19.40 0.77
N PRO A 899 3.07 -20.13 -0.37
CA PRO A 899 4.24 -20.98 -0.58
C PRO A 899 5.49 -20.16 -0.91
N VAL A 900 6.60 -20.42 -0.20
CA VAL A 900 7.93 -19.78 -0.40
C VAL A 900 8.81 -20.75 -1.18
N TYR A 901 9.31 -20.33 -2.34
CA TYR A 901 10.29 -21.09 -3.17
C TYR A 901 11.70 -20.61 -2.81
N PHE A 902 12.53 -21.53 -2.30
CA PHE A 902 13.98 -21.30 -2.07
C PHE A 902 14.71 -21.54 -3.40
N VAL A 903 14.62 -20.54 -4.29
CA VAL A 903 15.24 -20.56 -5.66
C VAL A 903 16.75 -20.57 -5.49
N THR A 904 17.43 -21.46 -6.20
CA THR A 904 18.91 -21.60 -6.28
C THR A 904 19.36 -21.01 -7.63
N THR A 905 20.08 -19.89 -7.61
CA THR A 905 20.58 -19.20 -8.83
C THR A 905 21.67 -20.05 -9.50
N LEU A 906 22.19 -19.59 -10.64
CA LEU A 906 23.09 -20.36 -11.54
C LEU A 906 24.40 -20.69 -10.83
N GLY A 907 25.04 -21.79 -11.23
CA GLY A 907 26.40 -22.17 -10.81
C GLY A 907 26.41 -23.21 -9.68
N TYR A 908 25.52 -24.21 -9.75
CA TYR A 908 25.57 -25.43 -8.92
C TYR A 908 25.70 -26.64 -9.85
N ASN A 909 26.72 -27.47 -9.61
CA ASN A 909 26.99 -28.75 -10.31
C ASN A 909 26.19 -29.84 -9.59
N PHE A 910 24.88 -29.90 -9.84
CA PHE A 910 23.90 -30.85 -9.21
C PHE A 910 24.29 -32.30 -9.51
N SER A 911 24.96 -32.55 -10.64
CA SER A 911 25.34 -33.90 -11.14
C SER A 911 26.33 -34.58 -10.19
N SER A 912 27.33 -33.84 -9.71
CA SER A 912 28.34 -34.39 -8.81
C SER A 912 27.72 -34.99 -7.55
N GLU A 913 28.34 -36.07 -7.08
CA GLU A 913 27.90 -36.79 -5.86
C GLU A 913 27.95 -35.84 -4.66
N ALA A 914 29.07 -35.15 -4.48
CA ALA A 914 29.30 -34.11 -3.43
C ALA A 914 28.28 -32.97 -3.58
N GLY A 915 27.89 -32.65 -4.82
CA GLY A 915 26.87 -31.64 -5.14
C GLY A 915 25.51 -31.99 -4.56
N MET A 916 24.97 -33.16 -4.92
CA MET A 916 23.58 -33.58 -4.56
C MET A 916 23.54 -34.17 -3.14
N ASN A 917 24.69 -34.47 -2.52
CA ASN A 917 24.78 -34.95 -1.12
C ASN A 917 24.37 -33.84 -0.14
N ALA A 918 24.56 -32.56 -0.52
CA ALA A 918 24.35 -31.38 0.35
C ALA A 918 22.96 -30.76 0.14
N ILE A 919 22.15 -31.28 -0.80
CA ILE A 919 20.77 -30.79 -1.09
C ILE A 919 19.74 -31.77 -0.50
N CYS A 920 19.96 -33.08 -0.65
CA CYS A 920 19.00 -34.17 -0.27
C CYS A 920 18.97 -34.33 1.26
N SER A 921 17.94 -35.03 1.75
CA SER A 921 17.70 -35.36 3.18
C SER A 921 17.37 -36.85 3.34
N SER A 922 18.07 -37.72 2.60
CA SER A 922 17.96 -39.20 2.66
C SER A 922 19.18 -39.78 3.38
N ALA A 923 19.27 -41.12 3.48
CA ALA A 923 20.41 -41.86 4.07
C ALA A 923 21.65 -41.67 3.19
N GLY A 924 22.75 -41.20 3.78
CA GLY A 924 24.04 -40.96 3.11
C GLY A 924 24.32 -39.49 2.87
N CYS A 925 23.28 -38.65 2.79
CA CYS A 925 23.39 -37.19 2.54
C CYS A 925 23.93 -36.48 3.78
N ASN A 926 24.60 -35.34 3.57
CA ASN A 926 25.29 -34.54 4.62
C ASN A 926 24.27 -34.06 5.65
N ASN A 927 24.66 -34.05 6.93
CA ASN A 927 23.83 -33.53 8.06
C ASN A 927 23.82 -32.01 7.98
N PHE A 928 22.70 -31.37 8.30
CA PHE A 928 22.43 -29.92 8.12
C PHE A 928 22.60 -29.55 6.65
N SER A 929 22.03 -30.37 5.75
CA SER A 929 21.90 -30.10 4.29
C SER A 929 20.73 -29.15 4.06
N PHE A 930 20.55 -28.70 2.81
CA PHE A 930 19.45 -27.81 2.34
C PHE A 930 18.12 -28.18 3.02
N THR A 931 17.57 -29.36 2.68
CA THR A 931 16.21 -29.81 3.07
C THR A 931 16.17 -30.11 4.57
N GLN A 932 17.26 -30.65 5.14
CA GLN A 932 17.42 -30.90 6.60
C GLN A 932 17.31 -29.59 7.38
N LYS A 933 17.95 -28.52 6.87
CA LYS A 933 17.94 -27.16 7.48
C LYS A 933 16.52 -26.59 7.43
N ILE A 934 15.84 -26.67 6.27
CA ILE A 934 14.44 -26.17 6.13
C ILE A 934 13.53 -26.99 7.06
N GLN A 935 13.66 -28.32 7.04
CA GLN A 935 12.91 -29.25 7.94
C GLN A 935 13.03 -28.75 9.39
N TYR A 936 14.25 -28.54 9.87
CA TYR A 936 14.54 -28.13 11.27
C TYR A 936 14.04 -26.71 11.54
N ALA A 937 14.03 -25.84 10.52
CA ALA A 937 13.45 -24.48 10.60
C ALA A 937 11.94 -24.58 10.85
N THR A 938 11.25 -25.44 10.09
CA THR A 938 9.77 -25.65 10.16
C THR A 938 9.39 -26.33 11.48
N GLU A 939 10.33 -27.03 12.13
CA GLU A 939 10.16 -27.63 13.47
C GLU A 939 9.84 -26.54 14.51
N PHE A 940 10.36 -25.31 14.31
CA PHE A 940 10.05 -24.10 15.12
C PHE A 940 9.38 -23.06 14.24
N PRO A 941 8.03 -23.11 14.06
CA PRO A 941 7.36 -22.21 13.12
C PRO A 941 7.22 -20.76 13.61
N GLU A 942 7.33 -20.51 14.92
CA GLU A 942 7.18 -19.15 15.52
C GLU A 942 8.45 -18.31 15.29
N GLN A 943 9.65 -18.92 15.40
CA GLN A 943 10.94 -18.20 15.28
C GLN A 943 11.22 -17.94 13.80
N SER A 944 11.28 -19.01 13.01
CA SER A 944 11.38 -18.99 11.52
C SER A 944 9.98 -19.27 10.96
N TYR A 945 9.38 -18.31 10.26
CA TYR A 945 7.96 -18.34 9.82
C TYR A 945 7.82 -19.30 8.64
N LEU A 946 8.00 -20.60 8.90
CA LEU A 946 7.75 -21.72 7.95
C LEU A 946 6.96 -22.80 8.69
N ALA A 947 5.91 -23.34 8.06
CA ALA A 947 4.98 -24.33 8.66
C ALA A 947 5.22 -25.73 8.08
N ILE A 948 5.76 -25.86 6.86
CA ILE A 948 5.88 -27.16 6.13
C ILE A 948 7.31 -27.36 5.63
N PRO A 949 7.94 -28.53 5.89
CA PRO A 949 9.25 -28.87 5.31
C PRO A 949 9.21 -28.81 3.77
N ALA A 950 10.24 -28.21 3.17
CA ALA A 950 10.35 -27.97 1.70
C ALA A 950 10.24 -29.29 0.95
N SER A 951 9.51 -29.29 -0.17
CA SER A 951 9.58 -30.33 -1.22
C SER A 951 10.96 -30.28 -1.87
N SER A 952 11.47 -31.42 -2.35
CA SER A 952 12.83 -31.57 -2.90
C SER A 952 12.79 -32.47 -4.15
N TRP A 953 13.09 -31.89 -5.32
CA TRP A 953 13.15 -32.61 -6.63
C TRP A 953 14.30 -33.62 -6.62
N VAL A 954 15.45 -33.26 -6.03
CA VAL A 954 16.68 -34.12 -5.98
C VAL A 954 16.44 -35.31 -5.02
N ASP A 955 15.81 -35.07 -3.87
CA ASP A 955 15.48 -36.12 -2.86
C ASP A 955 14.54 -37.16 -3.51
N ASP A 956 13.47 -36.67 -4.15
CA ASP A 956 12.47 -37.52 -4.86
C ASP A 956 13.08 -38.12 -6.13
N PHE A 957 14.11 -37.48 -6.71
CA PHE A 957 14.84 -37.99 -7.91
C PHE A 957 15.70 -39.20 -7.53
N ILE A 958 16.45 -39.12 -6.43
CA ILE A 958 17.30 -40.24 -5.93
C ILE A 958 16.38 -41.31 -5.28
N ASP A 959 15.18 -40.93 -4.84
CA ASP A 959 14.11 -41.87 -4.39
C ASP A 959 13.56 -42.62 -5.62
N TRP A 960 13.26 -41.89 -6.69
CA TRP A 960 12.79 -42.43 -8.00
C TRP A 960 13.81 -43.44 -8.54
N LEU A 961 15.10 -43.07 -8.52
CA LEU A 961 16.23 -43.95 -8.93
C LEU A 961 16.53 -44.95 -7.82
N THR A 962 15.66 -45.95 -7.66
CA THR A 962 15.87 -47.13 -6.78
C THR A 962 15.77 -48.38 -7.64
N PRO A 963 16.36 -49.52 -7.21
CA PRO A 963 16.23 -50.79 -7.94
C PRO A 963 14.81 -51.40 -7.95
N SER A 964 13.80 -50.67 -7.43
CA SER A 964 12.35 -50.98 -7.59
C SER A 964 11.90 -50.64 -9.02
N SER A 965 10.67 -51.03 -9.38
CA SER A 965 10.09 -50.91 -10.75
C SER A 965 9.41 -49.54 -10.92
N CYS A 966 10.21 -48.47 -10.99
CA CYS A 966 9.75 -47.07 -11.25
C CYS A 966 10.23 -46.63 -12.64
N CYS A 967 11.55 -46.59 -12.86
CA CYS A 967 12.19 -46.39 -14.19
C CYS A 967 12.95 -47.66 -14.59
N ARG A 968 12.65 -48.19 -15.78
CA ARG A 968 13.25 -49.41 -16.35
C ARG A 968 13.61 -49.17 -17.82
N LEU A 969 14.70 -49.78 -18.28
CA LEU A 969 15.18 -49.69 -19.68
C LEU A 969 14.86 -51.00 -20.40
N TYR A 970 14.50 -50.93 -21.69
CA TYR A 970 14.24 -52.11 -22.55
C TYR A 970 15.52 -52.96 -22.62
N ILE A 971 15.45 -54.22 -22.19
CA ILE A 971 16.64 -55.15 -22.10
C ILE A 971 17.20 -55.37 -23.52
N SER A 972 16.32 -55.39 -24.53
CA SER A 972 16.69 -55.49 -25.96
C SER A 972 15.56 -54.92 -26.84
N GLY A 973 15.78 -54.92 -28.17
CA GLY A 973 14.79 -54.50 -29.19
C GLY A 973 15.18 -53.17 -29.83
N PRO A 974 14.29 -52.58 -30.68
CA PRO A 974 14.56 -51.30 -31.34
C PRO A 974 14.73 -50.11 -30.35
N ASN A 975 14.12 -50.21 -29.17
CA ASN A 975 14.20 -49.18 -28.09
C ASN A 975 15.20 -49.62 -27.00
N LYS A 976 16.31 -50.27 -27.38
CA LYS A 976 17.33 -50.79 -26.42
C LYS A 976 17.95 -49.64 -25.64
N ASP A 977 18.12 -49.83 -24.32
CA ASP A 977 18.65 -48.82 -23.36
C ASP A 977 17.84 -47.51 -23.45
N LYS A 978 16.52 -47.62 -23.63
CA LYS A 978 15.58 -46.48 -23.62
C LYS A 978 14.51 -46.72 -22.55
N PHE A 979 13.95 -45.63 -22.02
CA PHE A 979 13.01 -45.60 -20.87
C PHE A 979 11.68 -46.24 -21.25
N CYS A 980 11.37 -47.40 -20.66
CA CYS A 980 10.01 -47.99 -20.62
C CYS A 980 9.33 -47.45 -19.36
N PRO A 981 8.16 -46.76 -19.45
CA PRO A 981 7.51 -46.19 -18.28
C PRO A 981 7.00 -47.25 -17.28
N SER A 982 6.50 -46.79 -16.12
CA SER A 982 5.94 -47.62 -15.03
C SER A 982 4.59 -48.23 -15.44
N THR A 983 3.92 -47.65 -16.45
CA THR A 983 2.56 -48.04 -16.91
C THR A 983 2.61 -49.42 -17.57
N VAL A 984 3.54 -49.65 -18.52
CA VAL A 984 3.70 -50.93 -19.27
C VAL A 984 4.19 -52.01 -18.29
N ASN A 985 3.75 -53.26 -18.48
CA ASN A 985 4.05 -54.41 -17.59
C ASN A 985 4.65 -55.57 -18.41
N SER A 986 5.33 -55.26 -19.52
CA SER A 986 5.98 -56.25 -20.42
C SER A 986 7.27 -56.77 -19.78
N LEU A 987 7.75 -57.92 -20.26
CA LEU A 987 9.01 -58.59 -19.79
C LEU A 987 10.22 -58.01 -20.53
N ASN A 988 10.01 -57.35 -21.67
CA ASN A 988 11.09 -56.81 -22.54
C ASN A 988 11.91 -55.77 -21.76
N CYS A 989 11.28 -54.94 -20.93
CA CYS A 989 11.93 -53.87 -20.13
C CYS A 989 11.94 -54.26 -18.65
N LEU A 990 12.51 -55.42 -18.33
CA LEU A 990 12.69 -55.91 -16.93
C LEU A 990 13.98 -55.34 -16.33
N LYS A 991 14.93 -54.85 -17.16
CA LYS A 991 16.23 -54.30 -16.70
C LYS A 991 15.98 -53.05 -15.83
N ASN A 992 16.62 -53.01 -14.65
CA ASN A 992 16.50 -51.92 -13.65
C ASN A 992 17.16 -50.64 -14.19
N CYS A 993 16.91 -49.51 -13.52
CA CYS A 993 17.29 -48.13 -13.96
C CYS A 993 18.82 -47.99 -14.03
N MET A 994 19.53 -48.55 -13.04
CA MET A 994 21.02 -48.53 -12.95
C MET A 994 21.51 -49.79 -12.22
N SER A 995 22.83 -49.95 -12.11
CA SER A 995 23.53 -51.17 -11.60
C SER A 995 23.09 -51.54 -10.18
N ILE A 996 23.41 -52.76 -9.75
CA ILE A 996 23.00 -53.33 -8.43
C ILE A 996 23.80 -52.59 -7.34
N THR A 997 23.16 -51.64 -6.67
CA THR A 997 23.79 -50.70 -5.69
C THR A 997 24.17 -51.45 -4.41
N MET A 998 25.17 -50.94 -3.69
CA MET A 998 25.79 -51.54 -2.48
C MET A 998 25.56 -50.65 -1.26
N GLY A 999 24.49 -49.84 -1.26
CA GLY A 999 24.15 -48.91 -0.16
C GLY A 999 23.29 -47.76 -0.65
N SER A 1000 23.63 -46.53 -0.23
CA SER A 1000 22.95 -45.27 -0.63
C SER A 1000 23.17 -45.04 -2.13
N VAL A 1001 22.08 -44.92 -2.90
CA VAL A 1001 22.10 -44.86 -4.40
C VAL A 1001 22.46 -43.43 -4.82
N ARG A 1002 23.40 -43.28 -5.76
CA ARG A 1002 23.80 -41.97 -6.35
C ARG A 1002 24.08 -42.14 -7.84
N PRO A 1003 23.30 -41.53 -8.75
CA PRO A 1003 23.57 -41.61 -10.18
C PRO A 1003 24.82 -40.83 -10.60
N SER A 1004 25.56 -41.35 -11.58
CA SER A 1004 26.75 -40.71 -12.19
C SER A 1004 26.32 -39.51 -13.06
N VAL A 1005 27.29 -38.68 -13.44
CA VAL A 1005 27.09 -37.39 -14.19
C VAL A 1005 26.30 -37.69 -15.48
N GLU A 1006 26.79 -38.64 -16.28
CA GLU A 1006 26.13 -39.11 -17.53
C GLU A 1006 24.75 -39.71 -17.20
N GLN A 1007 24.66 -40.50 -16.12
CA GLN A 1007 23.39 -41.16 -15.68
C GLN A 1007 22.40 -40.08 -15.24
N PHE A 1008 22.87 -39.10 -14.44
CA PHE A 1008 22.07 -37.95 -13.93
C PHE A 1008 21.52 -37.14 -15.10
N HIS A 1009 22.41 -36.65 -15.97
CA HIS A 1009 22.09 -35.79 -17.15
C HIS A 1009 21.16 -36.53 -18.11
N LYS A 1010 21.24 -37.87 -18.18
CA LYS A 1010 20.37 -38.71 -19.05
C LYS A 1010 19.01 -38.95 -18.38
N TYR A 1011 18.97 -39.28 -17.09
CA TYR A 1011 17.77 -39.81 -16.39
C TYR A 1011 16.91 -38.71 -15.75
N LEU A 1012 17.38 -37.45 -15.66
CA LEU A 1012 16.58 -36.36 -15.04
C LEU A 1012 15.42 -35.93 -15.95
N PRO A 1013 15.63 -35.69 -17.27
CA PRO A 1013 14.52 -35.36 -18.18
C PRO A 1013 13.40 -36.42 -18.21
N TRP A 1014 13.72 -37.69 -17.92
CA TRP A 1014 12.75 -38.80 -17.76
C TRP A 1014 11.94 -38.58 -16.48
N PHE A 1015 12.61 -38.33 -15.36
CA PHE A 1015 12.00 -38.14 -14.01
C PHE A 1015 10.98 -37.00 -14.07
N LEU A 1016 11.37 -35.85 -14.62
CA LEU A 1016 10.56 -34.60 -14.63
C LEU A 1016 9.31 -34.76 -15.52
N ASN A 1017 9.36 -35.66 -16.52
CA ASN A 1017 8.23 -35.98 -17.43
C ASN A 1017 7.76 -37.42 -17.17
N ASP A 1018 7.51 -37.76 -15.90
CA ASP A 1018 6.93 -39.07 -15.46
C ASP A 1018 5.72 -38.79 -14.57
N ARG A 1019 4.53 -39.22 -15.00
CA ARG A 1019 3.25 -39.03 -14.25
C ARG A 1019 3.19 -40.07 -13.14
N PRO A 1020 2.92 -39.68 -11.86
CA PRO A 1020 2.82 -40.65 -10.78
C PRO A 1020 1.57 -41.52 -10.92
N ASN A 1021 1.75 -42.84 -11.04
CA ASN A 1021 0.68 -43.87 -11.18
C ASN A 1021 0.63 -44.69 -9.88
N ILE A 1022 -0.27 -45.68 -9.82
CA ILE A 1022 -0.33 -46.71 -8.72
C ILE A 1022 1.00 -47.47 -8.65
N LYS A 1023 1.57 -47.84 -9.80
CA LYS A 1023 2.77 -48.72 -9.91
C LYS A 1023 4.00 -47.98 -9.38
N CYS A 1024 4.25 -46.76 -9.88
CA CYS A 1024 5.34 -45.85 -9.46
C CYS A 1024 4.73 -44.56 -8.92
N PRO A 1025 4.44 -44.45 -7.60
CA PRO A 1025 3.83 -43.24 -7.03
C PRO A 1025 4.77 -42.02 -7.02
N LYS A 1026 6.08 -42.25 -7.07
CA LYS A 1026 7.11 -41.18 -7.21
C LYS A 1026 7.26 -40.82 -8.69
N GLY A 1027 6.96 -39.55 -9.03
CA GLY A 1027 7.04 -39.02 -10.40
C GLY A 1027 7.18 -37.51 -10.39
N GLY A 1028 7.98 -36.96 -11.32
CA GLY A 1028 8.36 -35.54 -11.34
C GLY A 1028 7.26 -34.63 -11.87
N LEU A 1029 6.43 -35.12 -12.82
CA LEU A 1029 5.49 -34.28 -13.60
C LEU A 1029 4.48 -33.59 -12.68
N ALA A 1030 4.08 -34.24 -11.58
CA ALA A 1030 3.07 -33.75 -10.61
C ALA A 1030 3.54 -32.42 -9.97
N ALA A 1031 4.62 -32.47 -9.19
CA ALA A 1031 5.09 -31.36 -8.32
C ALA A 1031 6.28 -30.63 -8.94
N TYR A 1032 7.28 -31.36 -9.45
CA TYR A 1032 8.64 -30.83 -9.78
C TYR A 1032 8.84 -30.62 -11.28
N SER A 1033 7.77 -30.66 -12.09
CA SER A 1033 7.83 -30.46 -13.57
C SER A 1033 8.36 -29.06 -13.88
N THR A 1034 7.89 -28.05 -13.15
CA THR A 1034 8.20 -26.61 -13.36
C THR A 1034 9.27 -26.12 -12.36
N SER A 1035 9.67 -26.96 -11.38
CA SER A 1035 10.65 -26.61 -10.32
C SER A 1035 12.08 -26.98 -10.72
N VAL A 1036 12.33 -27.29 -12.01
CA VAL A 1036 13.69 -27.47 -12.60
C VAL A 1036 13.70 -26.80 -13.98
N ASN A 1037 14.66 -25.90 -14.21
CA ASN A 1037 14.93 -25.25 -15.52
C ASN A 1037 16.17 -25.91 -16.13
N LEU A 1038 15.95 -26.93 -16.98
CA LEU A 1038 17.03 -27.62 -17.74
C LEU A 1038 17.48 -26.72 -18.90
N THR A 1039 18.77 -26.80 -19.26
CA THR A 1039 19.36 -26.19 -20.49
C THR A 1039 18.90 -27.01 -21.71
N SER A 1040 19.36 -26.62 -22.90
CA SER A 1040 19.13 -27.34 -24.18
C SER A 1040 19.77 -28.74 -24.16
N ASP A 1041 20.84 -28.94 -23.37
CA ASP A 1041 21.66 -30.18 -23.37
C ASP A 1041 21.53 -30.96 -22.03
N GLY A 1042 20.70 -30.50 -21.10
CA GLY A 1042 20.37 -31.24 -19.86
C GLY A 1042 21.22 -30.84 -18.66
N GLN A 1043 21.74 -29.61 -18.63
CA GLN A 1043 22.39 -28.98 -17.44
C GLN A 1043 21.30 -28.22 -16.68
N VAL A 1044 21.29 -28.31 -15.34
CA VAL A 1044 20.29 -27.59 -14.48
C VAL A 1044 20.81 -26.17 -14.26
N LEU A 1045 20.20 -25.18 -14.93
CA LEU A 1045 20.47 -23.73 -14.70
C LEU A 1045 20.11 -23.39 -13.26
N THR A 1046 18.82 -23.54 -12.92
CA THR A 1046 18.21 -23.12 -11.64
C THR A 1046 17.26 -24.23 -11.14
N SER A 1047 16.72 -24.03 -9.94
CA SER A 1047 15.77 -24.95 -9.26
C SER A 1047 15.16 -24.24 -8.05
N ARG A 1048 13.91 -24.55 -7.72
CA ARG A 1048 13.18 -23.95 -6.57
C ARG A 1048 12.67 -25.08 -5.66
N PHE A 1049 12.80 -24.88 -4.34
CA PHE A 1049 12.34 -25.81 -3.27
C PHE A 1049 11.17 -25.13 -2.54
N MET A 1050 9.98 -25.75 -2.61
CA MET A 1050 8.68 -25.16 -2.22
C MET A 1050 8.33 -25.57 -0.79
N ALA A 1051 8.50 -24.63 0.16
CA ALA A 1051 7.98 -24.70 1.54
C ALA A 1051 6.72 -23.82 1.64
N TYR A 1052 6.10 -23.76 2.83
CA TYR A 1052 4.90 -22.95 3.13
C TYR A 1052 5.14 -22.13 4.40
N HIS A 1053 4.91 -20.82 4.32
CA HIS A 1053 4.85 -19.89 5.49
C HIS A 1053 3.72 -20.35 6.42
N LYS A 1054 3.89 -20.18 7.74
CA LYS A 1054 2.80 -20.26 8.74
C LYS A 1054 1.79 -19.16 8.44
N PRO A 1055 0.50 -19.27 8.84
CA PRO A 1055 -0.50 -18.25 8.50
C PRO A 1055 -0.11 -16.84 8.97
N LEU A 1056 0.24 -15.96 8.03
CA LEU A 1056 0.70 -14.56 8.26
C LEU A 1056 -0.52 -13.64 8.22
N LYS A 1057 -0.73 -12.86 9.29
CA LYS A 1057 -2.01 -12.16 9.58
C LYS A 1057 -1.83 -10.63 9.56
N ASN A 1058 -0.74 -10.12 10.15
CA ASN A 1058 -0.39 -8.67 10.17
C ASN A 1058 0.64 -8.36 9.08
N SER A 1059 0.98 -7.08 8.90
CA SER A 1059 2.10 -6.60 8.06
C SER A 1059 3.44 -6.95 8.74
N GLN A 1060 3.48 -6.87 10.08
CA GLN A 1060 4.66 -7.24 10.92
C GLN A 1060 4.99 -8.73 10.69
N ASP A 1061 3.97 -9.59 10.62
CA ASP A 1061 4.11 -11.06 10.37
C ASP A 1061 4.77 -11.29 9.00
N TYR A 1062 4.26 -10.63 7.95
CA TYR A 1062 4.79 -10.70 6.56
C TYR A 1062 6.26 -10.27 6.53
N THR A 1063 6.60 -9.16 7.19
CA THR A 1063 7.96 -8.57 7.21
C THR A 1063 8.91 -9.50 7.98
N GLU A 1064 8.50 -9.98 9.16
CA GLU A 1064 9.29 -10.91 10.01
C GLU A 1064 9.50 -12.24 9.26
N ALA A 1065 8.47 -12.71 8.55
CA ALA A 1065 8.51 -13.95 7.73
C ALA A 1065 9.56 -13.81 6.61
N LEU A 1066 9.54 -12.69 5.90
CA LEU A 1066 10.53 -12.38 4.82
C LEU A 1066 11.94 -12.36 5.43
N ARG A 1067 12.14 -11.60 6.51
CA ARG A 1067 13.43 -11.46 7.24
C ARG A 1067 13.96 -12.85 7.62
N ALA A 1068 13.14 -13.66 8.29
CA ALA A 1068 13.49 -15.00 8.82
C ALA A 1068 13.84 -15.95 7.66
N ALA A 1069 13.03 -15.95 6.59
CA ALA A 1069 13.25 -16.76 5.36
C ALA A 1069 14.60 -16.38 4.73
N ARG A 1070 14.87 -15.08 4.60
CA ARG A 1070 16.15 -14.54 4.03
C ARG A 1070 17.34 -14.99 4.89
N GLU A 1071 17.22 -14.91 6.22
CA GLU A 1071 18.27 -15.34 7.19
C GLU A 1071 18.58 -16.83 6.99
N LEU A 1072 17.54 -17.67 6.89
CA LEU A 1072 17.66 -19.13 6.66
C LEU A 1072 18.32 -19.39 5.30
N ALA A 1073 17.90 -18.67 4.25
CA ALA A 1073 18.40 -18.81 2.87
C ALA A 1073 19.90 -18.43 2.80
N ALA A 1074 20.29 -17.36 3.49
CA ALA A 1074 21.71 -16.92 3.68
C ALA A 1074 22.49 -18.02 4.40
N ASN A 1075 21.90 -18.65 5.40
CA ASN A 1075 22.55 -19.72 6.13
C ASN A 1075 22.73 -20.94 5.22
N ILE A 1076 21.71 -21.20 4.39
CA ILE A 1076 21.75 -22.35 3.43
C ILE A 1076 22.85 -22.13 2.39
N THR A 1077 22.87 -20.96 1.74
CA THR A 1077 23.85 -20.63 0.65
C THR A 1077 25.27 -20.66 1.20
N ALA A 1078 25.47 -20.18 2.44
CA ALA A 1078 26.77 -20.20 3.17
C ALA A 1078 27.36 -21.62 3.17
N ASP A 1079 26.52 -22.65 3.31
CA ASP A 1079 26.94 -24.09 3.38
C ASP A 1079 27.02 -24.68 1.96
N LEU A 1080 26.10 -24.31 1.05
CA LEU A 1080 26.09 -24.81 -0.35
C LEU A 1080 27.25 -24.22 -1.16
N ARG A 1081 27.79 -23.06 -0.76
CA ARG A 1081 28.88 -22.37 -1.49
C ARG A 1081 30.25 -22.98 -1.15
N LYS A 1082 30.32 -23.95 -0.22
CA LYS A 1082 31.57 -24.66 0.19
C LYS A 1082 31.69 -26.02 -0.53
N VAL A 1083 30.92 -26.25 -1.60
CA VAL A 1083 30.92 -27.52 -2.39
C VAL A 1083 31.87 -27.34 -3.57
N PRO A 1084 32.76 -28.32 -3.88
CA PRO A 1084 33.73 -28.18 -4.97
C PRO A 1084 33.06 -27.96 -6.33
N GLY A 1085 33.30 -26.79 -6.94
CA GLY A 1085 32.84 -26.43 -8.30
C GLY A 1085 31.69 -25.43 -8.29
N THR A 1086 31.17 -25.04 -7.11
CA THR A 1086 30.10 -24.02 -6.98
C THR A 1086 30.69 -22.63 -7.29
N ASP A 1087 29.98 -21.84 -8.11
CA ASP A 1087 30.33 -20.43 -8.42
C ASP A 1087 30.17 -19.60 -7.14
N PRO A 1088 31.09 -18.66 -6.80
CA PRO A 1088 30.92 -17.84 -5.60
C PRO A 1088 29.70 -16.91 -5.62
N ALA A 1089 29.22 -16.55 -6.80
CA ALA A 1089 28.00 -15.72 -7.01
C ALA A 1089 26.73 -16.58 -6.94
N PHE A 1090 26.84 -17.88 -6.63
CA PHE A 1090 25.71 -18.77 -6.28
C PHE A 1090 24.96 -18.20 -5.07
N GLU A 1091 23.64 -18.29 -5.09
CA GLU A 1091 22.74 -17.71 -4.06
C GLU A 1091 21.43 -18.52 -4.02
N VAL A 1092 20.96 -18.81 -2.81
CA VAL A 1092 19.59 -19.32 -2.50
C VAL A 1092 18.80 -18.13 -1.95
N PHE A 1093 17.66 -17.79 -2.57
CA PHE A 1093 16.77 -16.68 -2.12
C PHE A 1093 15.34 -17.19 -2.00
N PRO A 1094 14.61 -16.82 -0.91
CA PRO A 1094 13.22 -17.24 -0.73
C PRO A 1094 12.23 -16.29 -1.43
N TYR A 1095 11.82 -16.62 -2.66
CA TYR A 1095 10.81 -15.84 -3.42
C TYR A 1095 9.41 -16.32 -3.01
N THR A 1096 8.66 -15.44 -2.34
CA THR A 1096 7.18 -15.50 -2.17
C THR A 1096 6.55 -14.35 -2.93
N ILE A 1097 5.31 -14.54 -3.40
CA ILE A 1097 4.56 -13.57 -4.26
C ILE A 1097 4.45 -12.20 -3.59
N THR A 1098 4.32 -12.14 -2.26
CA THR A 1098 4.13 -10.89 -1.46
C THR A 1098 5.48 -10.40 -0.90
N ASN A 1099 6.60 -10.65 -1.58
CA ASN A 1099 7.95 -10.17 -1.15
C ASN A 1099 8.09 -8.67 -1.48
N VAL A 1100 7.71 -8.28 -2.70
CA VAL A 1100 7.97 -6.92 -3.27
C VAL A 1100 7.27 -5.82 -2.44
N PHE A 1101 6.17 -6.14 -1.75
CA PHE A 1101 5.31 -5.18 -1.02
C PHE A 1101 5.78 -5.01 0.43
N TYR A 1102 6.19 -6.09 1.08
CA TYR A 1102 6.53 -6.14 2.54
C TYR A 1102 8.05 -6.24 2.75
N GLU A 1103 8.85 -5.87 1.75
CA GLU A 1103 10.35 -5.84 1.82
C GLU A 1103 10.82 -4.46 2.29
N GLN A 1104 10.15 -3.39 1.82
CA GLN A 1104 10.45 -1.97 2.16
C GLN A 1104 10.51 -1.77 3.69
N TYR A 1105 9.66 -2.48 4.45
CA TYR A 1105 9.46 -2.29 5.92
C TYR A 1105 10.63 -2.85 6.72
N LEU A 1106 11.59 -3.55 6.07
CA LEU A 1106 12.88 -3.94 6.69
C LEU A 1106 13.71 -2.69 6.99
N THR A 1107 13.65 -1.66 6.13
CA THR A 1107 14.46 -0.42 6.21
C THR A 1107 13.62 0.80 5.81
N ILE A 1108 12.46 1.01 6.45
CA ILE A 1108 11.61 2.22 6.26
C ILE A 1108 11.96 3.27 7.34
N LEU A 1109 12.34 2.82 8.55
CA LEU A 1109 12.62 3.72 9.71
C LEU A 1109 13.89 4.52 9.47
N PRO A 1110 15.08 3.92 9.20
CA PRO A 1110 16.28 4.69 8.86
C PRO A 1110 16.09 5.67 7.68
N GLU A 1111 15.45 5.20 6.60
CA GLU A 1111 15.11 6.01 5.40
C GLU A 1111 14.24 7.20 5.82
N GLY A 1112 13.17 6.93 6.59
CA GLY A 1112 12.24 7.95 7.10
C GLY A 1112 12.93 9.02 7.94
N LEU A 1113 13.75 8.61 8.92
CA LEU A 1113 14.45 9.52 9.85
C LEU A 1113 15.50 10.35 9.09
N PHE A 1114 16.23 9.73 8.15
CA PHE A 1114 17.16 10.43 7.23
C PHE A 1114 16.41 11.48 6.42
N MET A 1115 15.23 11.11 5.89
CA MET A 1115 14.36 11.98 5.04
C MET A 1115 13.86 13.17 5.86
N LEU A 1116 13.36 12.93 7.08
CA LEU A 1116 12.81 13.99 7.98
C LEU A 1116 13.91 14.93 8.46
N SER A 1117 15.13 14.43 8.70
CA SER A 1117 16.33 15.23 9.01
C SER A 1117 16.70 16.12 7.81
N LEU A 1118 16.70 15.53 6.60
CA LEU A 1118 16.98 16.26 5.33
C LEU A 1118 15.87 17.28 5.02
N CYS A 1119 14.67 17.11 5.57
CA CYS A 1119 13.52 18.05 5.43
C CYS A 1119 13.58 19.14 6.52
N LEU A 1120 14.16 18.85 7.68
CA LEU A 1120 14.36 19.84 8.79
C LEU A 1120 15.50 20.81 8.44
N VAL A 1121 16.47 20.39 7.61
CA VAL A 1121 17.66 21.21 7.22
C VAL A 1121 17.22 22.45 6.41
N PRO A 1122 16.59 22.31 5.22
CA PRO A 1122 16.32 23.45 4.34
C PRO A 1122 15.32 24.44 4.97
N THR A 1123 14.32 23.93 5.70
CA THR A 1123 13.38 24.72 6.54
C THR A 1123 14.18 25.79 7.30
N PHE A 1124 15.08 25.36 8.18
CA PHE A 1124 15.93 26.23 9.05
C PHE A 1124 16.82 27.12 8.18
N ALA A 1125 17.52 26.53 7.20
CA ALA A 1125 18.48 27.23 6.30
C ALA A 1125 17.79 28.41 5.63
N VAL A 1126 16.67 28.16 4.95
CA VAL A 1126 15.91 29.20 4.18
C VAL A 1126 15.15 30.11 5.17
N SER A 1127 14.73 29.59 6.33
CA SER A 1127 14.07 30.38 7.40
C SER A 1127 15.03 31.44 7.97
N CYS A 1128 16.32 31.13 8.06
CA CYS A 1128 17.39 32.04 8.57
C CYS A 1128 17.86 32.99 7.45
N LEU A 1129 17.86 32.54 6.18
CA LEU A 1129 18.33 33.33 5.02
C LEU A 1129 17.22 34.28 4.55
N LEU A 1130 16.10 33.73 4.08
CA LEU A 1130 15.02 34.47 3.35
C LEU A 1130 14.33 35.47 4.29
N LEU A 1131 13.71 34.99 5.37
CA LEU A 1131 13.06 35.87 6.39
C LEU A 1131 14.08 36.82 7.03
N GLY A 1132 15.38 36.48 6.97
CA GLY A 1132 16.48 37.29 7.52
C GLY A 1132 16.48 37.25 9.04
N LEU A 1133 16.02 36.13 9.62
CA LEU A 1133 15.87 35.93 11.08
C LEU A 1133 17.26 35.72 11.70
N ASP A 1134 17.39 36.05 13.00
CA ASP A 1134 18.63 35.86 13.80
C ASP A 1134 18.70 34.40 14.26
N LEU A 1135 19.70 34.07 15.09
CA LEU A 1135 20.03 32.67 15.50
C LEU A 1135 18.94 32.12 16.42
N ARG A 1136 18.60 32.84 17.50
CA ARG A 1136 17.55 32.44 18.49
C ARG A 1136 16.22 32.19 17.76
N SER A 1137 15.88 33.04 16.80
CA SER A 1137 14.63 32.99 15.98
C SER A 1137 14.57 31.67 15.19
N GLY A 1138 15.64 31.36 14.43
CA GLY A 1138 15.79 30.12 13.66
C GLY A 1138 15.69 28.87 14.52
N LEU A 1139 16.34 28.88 15.69
CA LEU A 1139 16.40 27.72 16.62
C LEU A 1139 15.04 27.54 17.32
N LEU A 1140 14.31 28.63 17.61
CA LEU A 1140 12.93 28.57 18.19
C LEU A 1140 11.98 27.95 17.16
N ASN A 1141 12.07 28.36 15.90
CA ASN A 1141 11.34 27.74 14.76
C ASN A 1141 11.66 26.25 14.70
N LEU A 1142 12.95 25.89 14.66
CA LEU A 1142 13.42 24.47 14.54
C LEU A 1142 12.90 23.66 15.72
N LEU A 1143 13.09 24.15 16.95
CA LEU A 1143 12.62 23.48 18.21
C LEU A 1143 11.13 23.20 18.09
N SER A 1144 10.33 24.18 17.67
CA SER A 1144 8.85 24.08 17.51
C SER A 1144 8.49 23.05 16.43
N ILE A 1145 9.20 23.02 15.30
CA ILE A 1145 8.97 22.03 14.20
C ILE A 1145 9.21 20.62 14.75
N VAL A 1146 10.35 20.40 15.43
CA VAL A 1146 10.75 19.09 16.03
C VAL A 1146 9.68 18.66 17.04
N MET A 1147 9.22 19.60 17.89
CA MET A 1147 8.19 19.35 18.93
C MET A 1147 6.87 18.90 18.29
N ILE A 1148 6.39 19.63 17.28
CA ILE A 1148 5.15 19.29 16.50
C ILE A 1148 5.29 17.87 15.93
N LEU A 1149 6.45 17.57 15.30
CA LEU A 1149 6.70 16.31 14.57
C LEU A 1149 6.71 15.12 15.55
N VAL A 1150 7.45 15.23 16.66
CA VAL A 1150 7.53 14.18 17.72
C VAL A 1150 6.13 13.96 18.31
N ASP A 1151 5.37 15.04 18.55
CA ASP A 1151 3.97 14.99 19.07
C ASP A 1151 3.09 14.23 18.06
N THR A 1152 3.22 14.52 16.76
CA THR A 1152 2.47 13.83 15.67
C THR A 1152 2.74 12.32 15.71
N VAL A 1153 4.01 11.91 15.83
CA VAL A 1153 4.44 10.47 15.82
C VAL A 1153 3.96 9.80 17.11
N GLY A 1154 3.99 10.51 18.24
CA GLY A 1154 3.46 10.02 19.54
C GLY A 1154 1.98 9.71 19.47
N PHE A 1155 1.19 10.64 18.92
CA PHE A 1155 -0.29 10.51 18.76
C PHE A 1155 -0.62 9.51 17.64
N MET A 1156 0.27 9.38 16.64
CA MET A 1156 0.24 8.30 15.62
C MET A 1156 0.29 6.94 16.32
N ALA A 1157 1.21 6.76 17.28
CA ALA A 1157 1.39 5.50 18.05
C ALA A 1157 0.19 5.26 18.97
N LEU A 1158 -0.46 6.32 19.47
CA LEU A 1158 -1.62 6.22 20.40
C LEU A 1158 -2.92 5.91 19.65
N TRP A 1159 -3.26 6.71 18.61
CA TRP A 1159 -4.55 6.59 17.87
C TRP A 1159 -4.61 5.23 17.13
N GLY A 1160 -3.47 4.65 16.77
CA GLY A 1160 -3.36 3.37 16.06
C GLY A 1160 -3.11 3.55 14.58
N ILE A 1161 -2.53 4.70 14.17
CA ILE A 1161 -2.03 4.95 12.79
C ILE A 1161 -0.64 4.32 12.70
N SER A 1162 -0.40 3.48 11.68
CA SER A 1162 0.86 2.74 11.48
C SER A 1162 1.90 3.63 10.79
N TYR A 1163 3.16 3.18 10.76
CA TYR A 1163 4.29 3.82 10.04
C TYR A 1163 4.52 3.07 8.72
N ASN A 1164 4.54 3.82 7.60
CA ASN A 1164 4.65 3.29 6.21
C ASN A 1164 5.08 4.45 5.30
N ALA A 1165 5.00 4.29 3.98
CA ALA A 1165 5.32 5.33 2.98
C ALA A 1165 4.27 6.45 3.00
N VAL A 1166 2.99 6.11 3.24
CA VAL A 1166 1.83 7.05 3.18
C VAL A 1166 1.90 7.98 4.40
N SER A 1167 2.03 7.40 5.60
CA SER A 1167 2.23 8.14 6.88
C SER A 1167 3.49 9.01 6.78
N LEU A 1168 4.55 8.50 6.16
CA LEU A 1168 5.86 9.20 6.04
C LEU A 1168 5.71 10.45 5.16
N ILE A 1169 5.04 10.35 4.00
CA ILE A 1169 4.84 11.51 3.07
C ILE A 1169 3.92 12.53 3.76
N ASN A 1170 2.98 12.08 4.58
CA ASN A 1170 2.12 12.97 5.42
C ASN A 1170 2.97 13.71 6.46
N LEU A 1171 3.93 13.02 7.10
CA LEU A 1171 4.83 13.61 8.12
C LEU A 1171 5.81 14.59 7.47
N VAL A 1172 6.27 14.32 6.26
CA VAL A 1172 7.18 15.22 5.48
C VAL A 1172 6.40 16.48 5.07
N SER A 1173 5.13 16.32 4.65
CA SER A 1173 4.18 17.43 4.38
C SER A 1173 3.97 18.26 5.65
N ALA A 1174 3.88 17.61 6.82
CA ALA A 1174 3.73 18.25 8.14
C ALA A 1174 4.97 19.09 8.47
N VAL A 1175 6.17 18.55 8.24
CA VAL A 1175 7.48 19.27 8.42
C VAL A 1175 7.44 20.55 7.58
N GLY A 1176 7.01 20.45 6.32
CA GLY A 1176 6.87 21.59 5.40
C GLY A 1176 5.82 22.59 5.85
N MET A 1177 4.65 22.10 6.28
CA MET A 1177 3.44 22.93 6.57
C MET A 1177 3.61 23.69 7.89
N SER A 1178 4.16 23.05 8.93
CA SER A 1178 4.30 23.61 10.30
C SER A 1178 5.02 24.97 10.31
N VAL A 1179 5.82 25.25 9.27
CA VAL A 1179 6.50 26.56 9.03
C VAL A 1179 5.45 27.68 8.97
N GLU A 1180 4.31 27.43 8.31
CA GLU A 1180 3.17 28.40 8.19
C GLU A 1180 2.68 28.79 9.59
N PHE A 1181 2.70 27.87 10.56
CA PHE A 1181 2.27 28.10 11.96
C PHE A 1181 3.32 28.95 12.69
N VAL A 1182 4.60 28.53 12.65
CA VAL A 1182 5.67 29.07 13.55
C VAL A 1182 6.28 30.35 12.96
N SER A 1183 6.59 30.37 11.65
CA SER A 1183 7.41 31.42 10.99
C SER A 1183 6.75 32.80 11.08
N HIS A 1184 5.44 32.89 10.81
CA HIS A 1184 4.64 34.14 10.79
C HIS A 1184 4.72 34.83 12.17
N ILE A 1185 4.42 34.09 13.24
CA ILE A 1185 4.43 34.58 14.65
C ILE A 1185 5.86 35.03 14.99
N THR A 1186 6.86 34.19 14.71
CA THR A 1186 8.29 34.43 15.05
C THR A 1186 8.80 35.68 14.32
N ARG A 1187 8.45 35.86 13.04
CA ARG A 1187 8.83 37.08 12.27
C ARG A 1187 8.20 38.32 12.92
N SER A 1188 6.88 38.30 13.13
CA SER A 1188 6.11 39.48 13.63
C SER A 1188 6.44 39.79 15.10
N PHE A 1189 7.06 38.83 15.82
CA PHE A 1189 7.72 39.09 17.13
C PHE A 1189 9.08 39.74 16.91
N ALA A 1190 9.83 39.33 15.86
CA ALA A 1190 11.18 39.84 15.53
C ALA A 1190 11.09 41.30 15.05
N ILE A 1191 10.17 41.61 14.12
CA ILE A 1191 9.96 42.97 13.54
C ILE A 1191 9.01 43.76 14.46
N SER A 1192 9.42 44.00 15.71
CA SER A 1192 8.61 44.66 16.77
C SER A 1192 9.43 45.75 17.47
N THR A 1193 8.75 46.78 17.97
CA THR A 1193 9.36 47.99 18.60
C THR A 1193 8.80 48.22 20.01
N LYS A 1194 7.94 47.34 20.53
CA LYS A 1194 7.32 47.48 21.89
C LYS A 1194 8.40 47.31 22.95
N PRO A 1195 8.31 48.00 24.10
CA PRO A 1195 9.41 48.07 25.06
C PRO A 1195 9.83 46.72 25.67
N THR A 1196 8.87 45.98 26.24
CA THR A 1196 9.09 44.73 27.02
C THR A 1196 8.68 43.51 26.19
N TRP A 1197 9.29 42.36 26.46
CA TRP A 1197 9.05 41.07 25.76
C TRP A 1197 7.56 40.71 25.74
N LEU A 1198 6.86 40.96 26.86
CA LEU A 1198 5.42 40.59 27.05
C LEU A 1198 4.54 41.40 26.07
N GLU A 1199 4.84 42.70 25.92
CA GLU A 1199 4.10 43.62 24.99
C GLU A 1199 4.31 43.18 23.54
N ARG A 1200 5.54 42.80 23.17
CA ARG A 1200 5.92 42.34 21.81
C ARG A 1200 5.19 41.02 21.51
N ALA A 1201 5.16 40.11 22.49
CA ALA A 1201 4.46 38.80 22.43
C ALA A 1201 2.97 39.02 22.22
N LYS A 1202 2.36 39.92 23.00
CA LYS A 1202 0.92 40.30 22.89
C LYS A 1202 0.63 40.82 21.48
N GLU A 1203 1.47 41.73 20.96
CA GLU A 1203 1.32 42.31 19.59
C GLU A 1203 1.39 41.20 18.55
N ALA A 1204 2.44 40.36 18.61
CA ALA A 1204 2.68 39.21 17.70
C ALA A 1204 1.45 38.28 17.72
N THR A 1205 1.00 37.89 18.93
CA THR A 1205 -0.19 37.03 19.17
C THR A 1205 -1.42 37.66 18.49
N ILE A 1206 -1.79 38.88 18.89
CA ILE A 1206 -3.03 39.58 18.43
C ILE A 1206 -3.07 39.63 16.90
N SER A 1207 -2.08 40.28 16.29
CA SER A 1207 -2.03 40.56 14.82
C SER A 1207 -1.86 39.24 14.05
N MET A 1208 -0.71 38.60 14.17
CA MET A 1208 -0.31 37.46 13.30
C MET A 1208 -0.85 36.13 13.83
N GLY A 1209 -1.04 35.99 15.15
CA GLY A 1209 -1.74 34.80 15.71
C GLY A 1209 -3.14 34.70 15.16
N SER A 1210 -3.88 35.81 15.09
CA SER A 1210 -5.25 35.90 14.53
C SER A 1210 -5.23 35.58 13.03
N ALA A 1211 -4.28 36.15 12.28
CA ALA A 1211 -4.09 35.89 10.83
C ALA A 1211 -3.78 34.40 10.59
N VAL A 1212 -2.84 33.84 11.35
CA VAL A 1212 -2.37 32.43 11.25
C VAL A 1212 -3.51 31.48 11.64
N PHE A 1213 -4.22 31.74 12.75
CA PHE A 1213 -5.38 30.94 13.21
C PHE A 1213 -6.41 30.87 12.07
N ALA A 1214 -7.03 32.02 11.77
CA ALA A 1214 -8.17 32.18 10.83
C ALA A 1214 -7.79 31.68 9.43
N GLY A 1215 -6.55 31.93 9.00
CA GLY A 1215 -6.01 31.41 7.73
C GLY A 1215 -5.69 29.93 7.83
N VAL A 1216 -4.53 29.59 8.40
CA VAL A 1216 -3.88 28.25 8.31
C VAL A 1216 -4.81 27.20 8.92
N ALA A 1217 -5.15 27.35 10.21
CA ALA A 1217 -5.88 26.34 11.01
C ALA A 1217 -7.28 26.09 10.43
N MET A 1218 -8.02 27.16 10.12
CA MET A 1218 -9.45 27.11 9.73
C MET A 1218 -9.63 27.07 8.21
N THR A 1219 -8.55 26.96 7.42
CA THR A 1219 -8.60 26.51 6.01
C THR A 1219 -8.00 25.10 5.88
N ASN A 1220 -7.44 24.55 6.97
CA ASN A 1220 -7.08 23.11 7.08
C ASN A 1220 -8.32 22.33 7.57
N LEU A 1221 -8.93 22.76 8.67
CA LEU A 1221 -9.88 21.94 9.48
C LEU A 1221 -11.20 21.70 8.73
N PRO A 1222 -11.90 22.72 8.17
CA PRO A 1222 -13.10 22.47 7.36
C PRO A 1222 -12.87 21.60 6.11
N GLY A 1223 -11.62 21.46 5.65
CA GLY A 1223 -11.22 20.56 4.55
C GLY A 1223 -10.97 19.15 5.05
N ILE A 1224 -10.32 19.00 6.20
CA ILE A 1224 -9.96 17.68 6.82
C ILE A 1224 -11.24 17.02 7.35
N LEU A 1225 -12.10 17.76 8.07
CA LEU A 1225 -13.30 17.21 8.77
C LEU A 1225 -14.30 16.60 7.77
N VAL A 1226 -14.18 16.90 6.47
CA VAL A 1226 -15.03 16.32 5.39
C VAL A 1226 -14.45 14.97 4.92
N LEU A 1227 -13.12 14.79 4.94
CA LEU A 1227 -12.45 13.50 4.59
C LEU A 1227 -12.74 12.42 5.64
N GLY A 1228 -13.39 12.77 6.75
CA GLY A 1228 -13.91 11.81 7.76
C GLY A 1228 -15.05 10.94 7.25
N LEU A 1229 -15.58 11.20 6.04
CA LEU A 1229 -16.67 10.40 5.41
C LEU A 1229 -16.12 9.59 4.23
N ALA A 1230 -14.80 9.56 4.02
CA ALA A 1230 -14.11 9.07 2.80
C ALA A 1230 -14.46 7.61 2.51
N LYS A 1231 -14.77 6.80 3.54
CA LYS A 1231 -15.25 5.40 3.44
C LYS A 1231 -14.06 4.45 3.21
N ALA A 1232 -13.02 4.88 2.48
CA ALA A 1232 -11.75 4.16 2.28
C ALA A 1232 -10.86 4.33 3.51
N GLN A 1233 -10.62 3.23 4.23
CA GLN A 1233 -9.83 3.19 5.50
C GLN A 1233 -8.45 3.83 5.29
N LEU A 1234 -7.85 3.71 4.09
CA LEU A 1234 -6.53 4.31 3.75
C LEU A 1234 -6.61 5.83 3.96
N ILE A 1235 -7.53 6.50 3.26
CA ILE A 1235 -7.71 7.98 3.33
C ILE A 1235 -8.24 8.33 4.72
N GLN A 1236 -9.32 7.66 5.16
CA GLN A 1236 -9.98 7.86 6.48
C GLN A 1236 -8.95 7.80 7.62
N ILE A 1237 -7.90 6.98 7.50
CA ILE A 1237 -6.86 6.80 8.56
C ILE A 1237 -5.69 7.76 8.33
N PHE A 1238 -5.11 7.80 7.12
CA PHE A 1238 -3.79 8.44 6.86
C PHE A 1238 -3.93 9.90 6.37
N PHE A 1239 -5.12 10.35 5.96
CA PHE A 1239 -5.34 11.71 5.41
C PHE A 1239 -6.42 12.51 6.16
N PHE A 1240 -7.22 11.86 7.01
CA PHE A 1240 -8.15 12.54 7.96
C PHE A 1240 -7.47 12.64 9.32
N ARG A 1241 -7.25 11.49 9.98
CA ARG A 1241 -6.75 11.40 11.37
C ARG A 1241 -5.36 12.05 11.48
N LEU A 1242 -4.42 11.66 10.61
CA LEU A 1242 -3.00 12.09 10.70
C LEU A 1242 -2.91 13.61 10.43
N ASN A 1243 -3.62 14.11 9.41
CA ASN A 1243 -3.67 15.55 9.07
C ASN A 1243 -4.38 16.32 10.18
N LEU A 1244 -5.40 15.72 10.82
CA LEU A 1244 -6.13 16.34 11.98
C LEU A 1244 -5.14 16.51 13.15
N LEU A 1245 -4.35 15.48 13.47
CA LEU A 1245 -3.28 15.52 14.51
C LEU A 1245 -2.27 16.62 14.15
N ILE A 1246 -1.74 16.59 12.92
CA ILE A 1246 -0.73 17.56 12.39
C ILE A 1246 -1.27 18.99 12.54
N THR A 1247 -2.50 19.23 12.07
CA THR A 1247 -3.18 20.56 12.10
C THR A 1247 -3.33 21.04 13.56
N LEU A 1248 -3.91 20.21 14.43
CA LEU A 1248 -4.25 20.58 15.83
C LEU A 1248 -2.96 20.82 16.65
N LEU A 1249 -1.93 19.99 16.47
CA LEU A 1249 -0.61 20.16 17.13
C LEU A 1249 0.09 21.41 16.57
N GLY A 1250 0.06 21.62 15.25
CA GLY A 1250 0.52 22.85 14.59
C GLY A 1250 -0.13 24.08 15.22
N LEU A 1251 -1.47 24.06 15.34
CA LEU A 1251 -2.29 25.11 15.99
C LEU A 1251 -1.80 25.31 17.42
N LEU A 1252 -1.88 24.26 18.25
CA LEU A 1252 -1.54 24.30 19.70
C LEU A 1252 -0.16 24.93 19.89
N HIS A 1253 0.87 24.39 19.24
CA HIS A 1253 2.28 24.85 19.37
C HIS A 1253 2.41 26.30 18.89
N GLY A 1254 2.11 26.52 17.60
CA GLY A 1254 2.22 27.84 16.95
C GLY A 1254 0.97 28.69 17.15
N LEU A 1255 0.39 28.69 18.36
CA LEU A 1255 -0.54 29.75 18.85
C LEU A 1255 -0.68 29.75 20.39
N VAL A 1256 -0.27 28.69 21.10
CA VAL A 1256 -0.29 28.60 22.59
C VAL A 1256 1.16 28.59 23.11
N PHE A 1257 2.02 27.72 22.57
CA PHE A 1257 3.39 27.47 23.11
C PHE A 1257 4.38 28.52 22.57
N LEU A 1258 4.25 28.93 21.30
CA LEU A 1258 5.27 29.82 20.65
C LEU A 1258 5.17 31.24 21.18
N PRO A 1259 3.96 31.88 21.29
CA PRO A 1259 3.85 33.17 21.97
C PRO A 1259 4.47 33.21 23.37
N VAL A 1260 4.26 32.18 24.18
CA VAL A 1260 4.75 32.05 25.59
C VAL A 1260 6.29 31.95 25.57
N ILE A 1261 6.85 31.03 24.78
CA ILE A 1261 8.33 30.79 24.71
C ILE A 1261 9.00 32.01 24.07
N LEU A 1262 8.32 32.71 23.14
CA LEU A 1262 8.83 33.98 22.56
C LEU A 1262 8.83 35.07 23.65
N SER A 1263 7.77 35.16 24.46
CA SER A 1263 7.65 36.13 25.58
C SER A 1263 8.72 35.87 26.65
N TYR A 1264 9.22 34.63 26.75
CA TYR A 1264 10.31 34.23 27.69
C TYR A 1264 11.69 34.49 27.03
N VAL A 1265 12.03 33.74 25.97
CA VAL A 1265 13.41 33.67 25.41
C VAL A 1265 13.43 34.15 23.95
N GLY A 1266 12.53 35.06 23.57
CA GLY A 1266 12.45 35.60 22.20
C GLY A 1266 13.67 36.43 21.84
N PRO A 1267 13.90 36.73 20.54
CA PRO A 1267 15.04 37.54 20.12
C PRO A 1267 14.88 39.01 20.57
N ASP A 1268 16.00 39.68 20.83
CA ASP A 1268 16.04 41.10 21.31
C ASP A 1268 15.52 42.02 20.20
N VAL A 1269 15.10 43.24 20.56
CA VAL A 1269 14.55 44.27 19.63
C VAL A 1269 15.66 44.64 18.64
N ASN A 1270 15.32 44.72 17.34
CA ASN A 1270 16.20 45.22 16.25
C ASN A 1270 15.54 46.45 15.64
N PRO A 1271 15.90 47.68 16.06
CA PRO A 1271 15.26 48.90 15.55
C PRO A 1271 15.46 49.08 14.03
N ALA A 1272 16.67 48.76 13.55
CA ALA A 1272 17.08 48.82 12.12
C ALA A 1272 16.21 47.88 11.27
N LEU A 1273 15.72 46.76 11.83
CA LEU A 1273 14.92 45.75 11.08
C LEU A 1273 13.58 46.36 10.64
N ALA A 1274 12.93 47.12 11.53
CA ALA A 1274 11.66 47.86 11.26
C ALA A 1274 11.95 49.19 10.59
N LEU A 1275 12.99 49.92 11.03
CA LEU A 1275 13.26 51.31 10.56
C LEU A 1275 13.80 51.32 9.13
N GLU A 1276 14.43 50.22 8.65
CA GLU A 1276 14.94 50.11 7.26
C GLU A 1276 13.82 49.64 6.31
N GLN A 1277 12.72 49.06 6.84
CA GLN A 1277 11.49 48.76 6.07
C GLN A 1277 10.98 50.05 5.39
N LYS A 1278 11.17 51.21 6.03
CA LYS A 1278 10.69 52.54 5.54
C LYS A 1278 11.63 53.10 4.46
N ARG A 1279 12.83 52.51 4.29
CA ARG A 1279 13.80 52.86 3.20
C ARG A 1279 13.53 51.91 2.02
N ALA A 1280 12.68 50.91 2.24
CA ALA A 1280 12.25 49.89 1.26
C ALA A 1280 10.78 50.09 0.84
N GLU A 1281 9.97 50.83 1.62
CA GLU A 1281 8.56 51.13 1.29
C GLU A 1281 8.49 52.41 0.46
N GLU A 1282 8.99 53.54 1.01
CA GLU A 1282 8.89 54.90 0.40
C GLU A 1282 9.75 55.02 -0.86
N ALA A 1283 10.98 54.47 -0.83
CA ALA A 1283 11.97 54.51 -1.93
C ALA A 1283 11.35 53.94 -3.22
N VAL A 1284 10.68 52.79 -3.10
CA VAL A 1284 9.94 52.10 -4.22
C VAL A 1284 8.44 52.12 -3.87
N ALA A 1285 7.93 53.28 -3.44
CA ALA A 1285 6.49 53.52 -3.14
C ALA A 1285 5.79 54.08 -4.39
C1 NAG B . -16.57 -42.34 -11.54
C2 NAG B . -16.66 -42.47 -13.05
C3 NAG B . -17.72 -43.50 -13.44
C4 NAG B . -17.55 -44.80 -12.67
C5 NAG B . -17.40 -44.52 -11.17
C6 NAG B . -17.15 -45.81 -10.40
C7 NAG B . -16.85 -40.98 -14.95
C8 NAG B . -17.96 -40.20 -15.59
N2 NAG B . -16.97 -41.19 -13.64
O3 NAG B . -17.63 -43.76 -14.85
O4 NAG B . -18.68 -45.64 -12.89
O5 NAG B . -16.32 -43.63 -10.96
O6 NAG B . -15.85 -46.33 -10.74
O7 NAG B . -15.90 -41.40 -15.59
C1 NAG B . -18.28 -46.73 -13.74
C2 NAG B . -19.37 -47.79 -13.75
C3 NAG B . -19.10 -48.81 -14.84
C4 NAG B . -17.60 -48.90 -15.08
C5 NAG B . -16.85 -48.65 -13.78
C6 NAG B . -15.36 -48.93 -13.95
C7 NAG B . -20.50 -48.36 -11.67
C8 NAG B . -20.56 -49.35 -10.55
N2 NAG B . -19.42 -48.45 -12.45
O3 NAG B . -19.77 -48.41 -16.05
O4 NAG B . -17.27 -50.20 -15.58
O5 NAG B . -17.03 -47.29 -13.35
O6 NAG B . -14.74 -47.81 -14.58
O7 NAG B . -21.37 -47.54 -11.86
C1 NAG C . 30.75 -31.50 -11.88
C2 NAG C . 31.62 -31.13 -13.07
C3 NAG C . 31.88 -32.33 -13.96
C4 NAG C . 32.34 -33.54 -13.14
C5 NAG C . 31.43 -33.76 -11.94
C6 NAG C . 31.94 -34.91 -11.08
C7 NAG C . 31.70 -29.17 -14.49
C8 NAG C . 33.13 -29.02 -14.05
N2 NAG C . 30.98 -30.08 -13.83
O3 NAG C . 32.87 -32.01 -14.93
O4 NAG C . 32.35 -34.70 -13.97
O5 NAG C . 31.36 -32.58 -11.16
O6 NAG C . 30.98 -35.20 -10.05
O7 NAG C . 31.23 -28.48 -15.39
C1 NAG C . 33.72 -35.10 -14.19
C2 NAG C . 33.75 -36.45 -14.88
C3 NAG C . 35.18 -36.90 -15.16
C4 NAG C . 35.98 -35.79 -15.82
C5 NAG C . 35.82 -34.47 -15.07
C6 NAG C . 36.56 -33.34 -15.79
C7 NAG C . 33.32 -37.56 -12.76
C8 NAG C . 34.70 -37.16 -12.33
N2 NAG C . 33.07 -37.45 -14.07
O3 NAG C . 35.17 -38.06 -16.00
O4 NAG C . 37.36 -36.15 -15.86
O5 NAG C . 34.43 -34.15 -14.98
O6 NAG C . 36.52 -33.57 -17.20
O7 NAG C . 32.49 -37.96 -11.98
C1 NAG D . 14.58 -21.49 -18.35
C2 NAG D . 13.27 -21.09 -19.02
C3 NAG D . 13.53 -20.25 -20.26
C4 NAG D . 14.58 -19.18 -20.03
C5 NAG D . 15.83 -19.72 -19.35
C6 NAG D . 16.82 -18.60 -19.05
C7 NAG D . 11.28 -22.28 -19.81
C8 NAG D . 10.81 -23.52 -20.51
N2 NAG D . 12.55 -22.29 -19.43
O3 NAG D . 12.34 -19.61 -20.71
O4 NAG D . 14.92 -18.60 -21.30
O5 NAG D . 15.42 -20.35 -18.14
O6 NAG D . 17.44 -18.16 -20.26
O7 NAG D . 10.55 -21.31 -19.69
C1 NAG D . 14.46 -17.23 -21.35
C2 NAG D . 14.94 -16.58 -22.64
C3 NAG D . 14.48 -15.12 -22.68
C4 NAG D . 12.98 -15.00 -22.40
C5 NAG D . 12.59 -15.77 -21.15
C6 NAG D . 11.08 -15.77 -20.91
C7 NAG D . 17.06 -17.55 -23.48
C8 NAG D . 18.55 -17.48 -23.40
N2 NAG D . 16.40 -16.67 -22.72
O3 NAG D . 14.77 -14.57 -23.98
O4 NAG D . 12.67 -13.61 -22.24
O5 NAG D . 13.04 -17.13 -21.28
O6 NAG D . 10.41 -16.60 -21.87
O7 NAG D . 16.50 -18.36 -24.20
C1 NAG E . -15.94 -34.85 21.36
C2 NAG E . -16.24 -35.65 22.63
C3 NAG E . -15.28 -35.29 23.75
C4 NAG E . -13.83 -35.32 23.27
C5 NAG E . -13.68 -34.53 21.97
C6 NAG E . -12.26 -34.64 21.44
C7 NAG E . -18.60 -36.22 22.68
C8 NAG E . -19.99 -35.71 22.93
N2 NAG E . -17.61 -35.41 23.05
O3 NAG E . -15.44 -36.20 24.84
O4 NAG E . -12.99 -34.75 24.27
O5 NAG E . -14.58 -35.05 20.99
O6 NAG E . -11.74 -35.95 21.69
O7 NAG E . -18.39 -37.32 22.19
C1 NAG F . -21.39 -18.91 -24.77
C2 NAG F . -22.14 -19.59 -25.90
C3 NAG F . -23.66 -19.56 -25.70
C4 NAG F . -23.99 -20.06 -24.28
C5 NAG F . -23.20 -19.28 -23.24
C6 NAG F . -23.49 -19.76 -21.83
C7 NAG F . -21.66 -19.76 -28.29
C8 NAG F . -20.69 -19.30 -29.36
N2 NAG F . -21.66 -19.04 -27.16
O3 NAG F . -24.32 -20.41 -26.64
O4 NAG F . -25.40 -19.93 -24.04
O5 NAG F . -21.80 -19.42 -23.49
O6 NAG F . -24.66 -19.09 -21.32
O7 NAG F . -22.32 -20.78 -28.43
C1 NAG G . -23.73 -54.75 4.35
C2 NAG G . -24.70 -55.51 3.44
C3 NAG G . -26.02 -54.76 3.30
C4 NAG G . -26.56 -54.35 4.67
C5 NAG G . -25.49 -53.66 5.50
C6 NAG G . -26.00 -53.32 6.89
C7 NAG G . -23.55 -56.87 1.80
C8 NAG G . -22.69 -56.84 0.57
N2 NAG G . -24.11 -55.71 2.14
O3 NAG G . -26.98 -55.60 2.65
O4 NAG G . -27.67 -53.46 4.51
O5 NAG G . -24.34 -54.52 5.61
O6 NAG G . -26.37 -54.52 7.58
O7 NAG G . -23.72 -57.89 2.45
C1 NAG H . 23.68 -20.97 10.29
C2 NAG H . 23.90 -21.46 11.72
C3 NAG H . 25.27 -22.11 11.83
C4 NAG H . 26.21 -21.47 10.82
C5 NAG H . 25.85 -20.00 10.62
C6 NAG H . 26.89 -19.29 9.78
C7 NAG H . 22.75 -20.24 13.47
C8 NAG H . 22.79 -19.06 14.40
N2 NAG H . 23.80 -20.35 12.65
O3 NAG H . 25.16 -23.51 11.56
O4 NAG H . 27.57 -21.56 11.30
O5 NAG H . 24.57 -19.89 9.99
O6 NAG H . 27.18 -18.01 10.37
O7 NAG H . 21.82 -21.03 13.45
C1 CLR I . -0.68 -4.18 -3.07
C2 CLR I . -1.13 -5.63 -3.15
C3 CLR I . -1.03 -6.31 -1.78
C4 CLR I . -1.92 -5.60 -0.78
C5 CLR I . -1.61 -4.13 -0.79
C6 CLR I . -1.37 -3.47 0.35
C7 CLR I . -1.80 -2.03 0.55
C8 CLR I . -1.79 -1.29 -0.78
C9 CLR I . -0.96 -2.01 -1.84
C10 CLR I . -1.55 -3.39 -2.11
C11 CLR I . -0.80 -1.22 -3.15
C12 CLR I . -0.44 0.25 -2.93
C13 CLR I . -1.43 0.84 -1.94
C14 CLR I . -1.24 0.11 -0.63
C15 CLR I . -1.86 1.02 0.43
C16 CLR I . -1.69 2.43 -0.13
C17 CLR I . -1.24 2.31 -1.58
C18 CLR I . -2.85 0.62 -2.44
C19 CLR I . -2.96 -3.26 -2.66
C20 CLR I . -2.03 3.23 -2.51
C21 CLR I . -1.84 2.82 -3.97
C22 CLR I . -1.65 4.68 -2.29
C23 CLR I . -2.46 5.60 -3.20
C24 CLR I . -1.88 7.01 -3.21
C25 CLR I . -1.39 7.41 -1.82
C26 CLR I . -0.42 8.58 -1.89
C27 CLR I . -2.57 7.74 -0.89
O1 CLR I . -1.43 -7.68 -1.90
C1 CLR J . -7.95 11.70 -17.26
C2 CLR J . -8.27 11.04 -18.59
C3 CLR J . -8.91 9.66 -18.40
C4 CLR J . -10.23 9.82 -17.62
C5 CLR J . -9.96 10.61 -16.36
C6 CLR J . -10.40 10.16 -15.18
C7 CLR J . -10.87 11.09 -14.10
C8 CLR J . -10.16 12.44 -14.20
C9 CLR J . -8.88 12.34 -15.02
C10 CLR J . -9.21 11.91 -16.44
C11 CLR J . -8.05 13.64 -15.01
C12 CLR J . -7.89 14.27 -13.63
C13 CLR J . -9.27 14.38 -13.01
C14 CLR J . -9.80 12.98 -12.82
C15 CLR J . -10.92 13.10 -11.80
C16 CLR J . -10.50 14.29 -10.91
C17 CLR J . -9.33 14.99 -11.61
C18 CLR J . -10.18 15.17 -13.93
C19 CLR J . -10.10 12.94 -17.11
C20 CLR J . -9.52 16.50 -11.65
C21 CLR J . -8.31 17.17 -12.31
C22 CLR J . -9.77 17.06 -10.26
C23 CLR J . -10.35 18.46 -10.33
C24 CLR J . -10.70 18.98 -8.95
C25 CLR J . -11.94 18.30 -8.40
C26 CLR J . -12.35 18.90 -7.06
C27 CLR J . -13.08 18.36 -9.40
O1 CLR J . -9.18 9.07 -19.67
C1 CLR K . -9.98 7.12 20.44
C2 CLR K . -10.24 5.87 21.28
C3 CLR K . -9.02 4.95 21.27
C4 CLR K . -7.82 5.67 21.87
C5 CLR K . -7.63 7.00 21.18
C6 CLR K . -6.43 7.35 20.70
C7 CLR K . -5.97 8.78 20.71
C8 CLR K . -7.15 9.73 20.59
C9 CLR K . -8.40 9.04 20.06
C10 CLR K . -8.82 7.92 21.01
C11 CLR K . -9.58 9.99 19.79
C12 CLR K . -9.18 11.26 19.05
C13 CLR K . -7.99 11.88 19.77
C14 CLR K . -6.84 10.91 19.69
C15 CLR K . -5.60 11.72 19.98
C16 CLR K . -5.93 13.13 19.48
C17 CLR K . -7.43 13.17 19.19
C18 CLR K . -8.36 12.11 21.23
C19 CLR K . -9.18 8.49 22.37
C20 CLR K . -8.10 14.40 19.78
C21 CLR K . -9.62 14.24 19.80
C22 CLR K . -7.69 15.66 19.01
C23 CLR K . -6.21 15.96 19.21
C24 CLR K . -5.95 16.56 20.59
C25 CLR K . -4.47 16.87 20.78
C26 CLR K . -4.00 17.96 19.82
C27 CLR K . -4.18 17.23 22.22
O1 CLR K . -9.31 3.78 22.04
#